data_6JGS
#
_entry.id   6JGS
#
_cell.length_a   100.055
_cell.length_b   100.055
_cell.length_c   181.730
_cell.angle_alpha   90.000
_cell.angle_beta   90.000
_cell.angle_gamma   90.000
#
_symmetry.space_group_name_H-M   'P 43 21 2'
#
loop_
_entity.id
_entity.type
_entity.pdbx_description
1 polymer 'BETA-D-GLUCAN GLUCOHYDROLASE ISOENZYME EXO1'
2 branched beta-D-glucopyranose-(1-4)-4-thio-beta-D-glucopyranose
3 non-polymer 2-acetamido-2-deoxy-beta-D-glucopyranose
4 non-polymer GLYCEROL
5 non-polymer 'ACETATE ION'
6 non-polymer 'PENTAETHYLENE GLYCOL'
7 non-polymer 'SULFATE ION'
8 water water
#
_entity_poly.entity_id   1
_entity_poly.type   'polypeptide(L)'
_entity_poly.pdbx_seq_one_letter_code
;HHAADYVLYKDATKPVEDRVADLLGRMTLAEKIGQMTQIERLVATPDVLRDNFIGSLLSGGGSVPRKGATAKEWQDMVDG
FQKACMSTRLGIPMIYGIDAVHGQNNVYGATIFPHNVGLGATRDPYLVKRIGEATALEVRATGIQYAFAPCIAVCRDPRW
GRCYESYSEDRRIVQSMTELIPGLQGDVPKDFTSGMPFVAGKNKVAACAKHFVGDGGTVDGINENNTIINREGLMNIHMP
AYKNAMDKGVSTVMISYSSWNGVKMHANQDLVTGYLKDTLKFKGFVISDWEGIDRITTPAGSDYSYSVKASILAGLDMIM
VPNKYQQFISILTGHVNGGVIPMSRIDDAVTRILRVKFTMGLFENPYADPAMAEQLGKQEHRDLAREAARKSLVLLKNGK
TSTDAPLLPLPKKAPKILVAGSHADNLGYQCGGWTIEYQGDTGRTTVGTTILEAVKAAVDPSTVVVFAENPDAEFVKSGG
FSYAIVAVGEHPYTETKGDNLNLTIPEPGLSTVQAVCGGVRCATVLISGRPVVVQPLLAASDALVAAWLPGSEGQGVTDA
LFGDFGFTGRLPRTWFKSVDQLPMNVGDAHYDPLFRLGYGLTTNATKKY
;
_entity_poly.pdbx_strand_id   A
#
loop_
_chem_comp.id
_chem_comp.type
_chem_comp.name
_chem_comp.formula
1PE non-polymer 'PENTAETHYLENE GLYCOL' 'C10 H22 O6'
ACT non-polymer 'ACETATE ION' 'C2 H3 O2 -1'
BGC D-saccharide, beta linking beta-D-glucopyranose 'C6 H12 O6'
GOL non-polymer GLYCEROL 'C3 H8 O3'
NAG D-saccharide, beta linking 2-acetamido-2-deoxy-beta-D-glucopyranose 'C8 H15 N O6'
SGC D-saccharide, beta linking 4-thio-beta-D-glucopyranose 'C6 H12 O5 S'
SO4 non-polymer 'SULFATE ION' 'O4 S -2'
#
# COMPACT_ATOMS: atom_id res chain seq x y z
N ASP A 5 -3.54 20.38 41.23
CA ASP A 5 -2.75 20.19 39.93
C ASP A 5 -3.26 19.08 38.86
N TYR A 6 -4.49 18.60 39.07
CA TYR A 6 -5.20 17.68 38.18
C TYR A 6 -5.54 18.41 36.88
N VAL A 7 -5.38 17.75 35.75
CA VAL A 7 -5.75 18.30 34.46
C VAL A 7 -6.53 17.15 33.81
N LEU A 8 -7.80 17.37 33.51
CA LEU A 8 -8.70 16.28 33.12
C LEU A 8 -8.13 15.59 31.84
N TYR A 9 -7.60 16.35 30.91
CA TYR A 9 -7.18 15.68 29.64
C TYR A 9 -6.06 14.69 29.86
N LYS A 10 -5.29 14.82 30.95
CA LYS A 10 -4.17 13.91 31.25
C LYS A 10 -4.61 12.69 31.99
N ASP A 11 -5.87 12.64 32.36
CA ASP A 11 -6.41 11.53 33.18
C ASP A 11 -6.90 10.37 32.26
N ALA A 12 -6.18 9.24 32.27
CA ALA A 12 -6.52 8.16 31.37
C ALA A 12 -7.85 7.49 31.64
N THR A 13 -8.47 7.74 32.79
CA THR A 13 -9.73 7.03 33.10
C THR A 13 -10.92 7.81 32.58
N LYS A 14 -10.74 9.03 32.05
CA LYS A 14 -11.86 9.84 31.60
C LYS A 14 -12.23 9.49 30.13
N PRO A 15 -13.49 9.68 29.71
CA PRO A 15 -13.95 9.41 28.36
C PRO A 15 -13.22 10.26 27.38
N VAL A 16 -13.06 9.72 26.16
CA VAL A 16 -12.28 10.37 25.12
C VAL A 16 -12.83 11.73 24.82
N GLU A 17 -14.14 11.87 24.60
CA GLU A 17 -14.73 13.20 24.26
C GLU A 17 -14.53 14.28 25.36
N ASP A 18 -14.56 13.86 26.63
CA ASP A 18 -14.29 14.79 27.76
C ASP A 18 -12.84 15.25 27.71
N ARG A 19 -11.93 14.32 27.41
CA ARG A 19 -10.49 14.65 27.32
C ARG A 19 -10.21 15.61 26.14
N VAL A 20 -10.82 15.29 24.99
CA VAL A 20 -10.72 16.13 23.78
C VAL A 20 -11.20 17.56 24.06
N ALA A 21 -12.40 17.69 24.65
CA ALA A 21 -12.95 19.01 24.93
C ALA A 21 -12.13 19.76 25.97
N ASP A 22 -11.65 19.05 26.97
CA ASP A 22 -10.87 19.68 28.03
C ASP A 22 -9.58 20.22 27.46
N LEU A 23 -8.92 19.47 26.56
CA LEU A 23 -7.65 19.95 26.02
C LEU A 23 -7.91 21.08 25.03
N LEU A 24 -8.89 20.91 24.16
CA LEU A 24 -9.19 21.90 23.15
C LEU A 24 -9.44 23.28 23.77
N GLY A 25 -10.18 23.29 24.88
CA GLY A 25 -10.57 24.54 25.56
C GLY A 25 -9.36 25.26 26.13
N ARG A 26 -8.22 24.61 26.25
CA ARG A 26 -7.01 25.23 26.83
C ARG A 26 -6.07 25.75 25.76
N MET A 27 -6.31 25.42 24.50
CA MET A 27 -5.27 25.58 23.47
C MET A 27 -5.28 26.97 22.83
N THR A 28 -4.11 27.53 22.54
CA THR A 28 -4.00 28.71 21.73
C THR A 28 -4.19 28.38 20.27
N LEU A 29 -4.40 29.43 19.49
CA LEU A 29 -4.47 29.31 18.06
C LEU A 29 -3.21 28.64 17.50
N ALA A 30 -2.05 29.06 17.96
CA ALA A 30 -0.80 28.44 17.55
C ALA A 30 -0.73 26.89 17.83
N GLU A 31 -1.25 26.48 18.99
CA GLU A 31 -1.25 25.09 19.43
C GLU A 31 -2.21 24.29 18.57
N LYS A 32 -3.34 24.94 18.26
CA LYS A 32 -4.36 24.32 17.39
C LYS A 32 -3.88 24.10 15.98
N ILE A 33 -3.36 25.15 15.38
CA ILE A 33 -2.83 25.01 14.01
C ILE A 33 -1.64 24.03 13.97
N GLY A 34 -0.84 24.02 15.01
CA GLY A 34 0.23 23.07 15.17
C GLY A 34 -0.29 21.64 15.04
N GLN A 35 -1.36 21.27 15.72
CA GLN A 35 -1.93 19.92 15.60
C GLN A 35 -2.25 19.55 14.17
N MET A 36 -2.65 20.54 13.38
CA MET A 36 -3.08 20.38 12.02
C MET A 36 -1.91 20.27 11.04
N THR A 37 -0.68 20.36 11.53
CA THR A 37 0.48 20.36 10.69
C THR A 37 1.29 19.05 10.82
N GLN A 38 1.41 18.33 9.72
CA GLN A 38 2.34 17.21 9.62
C GLN A 38 3.53 17.52 8.76
N ILE A 39 4.73 17.19 9.30
CA ILE A 39 5.98 17.52 8.63
C ILE A 39 6.86 16.31 8.42
N GLU A 40 7.69 16.38 7.41
CA GLU A 40 8.59 15.30 7.11
C GLU A 40 9.63 15.25 8.22
N ARG A 41 10.04 14.05 8.62
CA ARG A 41 11.19 13.94 9.52
C ARG A 41 12.42 14.64 8.96
N LEU A 42 12.52 14.76 7.65
CA LEU A 42 13.66 15.44 7.04
C LEU A 42 13.74 16.89 7.45
N VAL A 43 12.64 17.54 7.84
CA VAL A 43 12.74 18.95 8.23
C VAL A 43 12.53 19.15 9.72
N ALA A 44 12.43 18.07 10.46
CA ALA A 44 12.06 18.13 11.84
C ALA A 44 13.35 18.22 12.67
N THR A 45 13.31 19.06 13.70
CA THR A 45 14.29 19.13 14.77
C THR A 45 13.50 19.32 16.08
N PRO A 46 14.14 19.10 17.24
CA PRO A 46 13.46 19.29 18.47
C PRO A 46 12.84 20.71 18.66
N ASP A 47 13.58 21.76 18.31
CA ASP A 47 13.09 23.12 18.42
C ASP A 47 11.95 23.38 17.47
N VAL A 48 12.00 22.83 16.25
CA VAL A 48 10.96 23.08 15.28
C VAL A 48 9.66 22.47 15.82
N LEU A 49 9.77 21.23 16.34
CA LEU A 49 8.58 20.54 16.88
C LEU A 49 7.95 21.26 18.04
N ARG A 50 8.79 21.74 18.95
CA ARG A 50 8.35 22.47 20.17
C ARG A 50 7.82 23.83 19.80
N ASP A 51 8.60 24.59 19.03
CA ASP A 51 8.24 26.01 18.72
C ASP A 51 7.02 26.13 17.88
N ASN A 52 6.74 25.17 17.02
CA ASN A 52 5.54 25.20 16.17
C ASN A 52 4.42 24.24 16.60
N PHE A 53 4.55 23.62 17.78
CA PHE A 53 3.50 22.81 18.41
C PHE A 53 2.99 21.75 17.39
N ILE A 54 3.93 21.13 16.69
CA ILE A 54 3.68 20.24 15.53
C ILE A 54 2.90 19.02 15.99
N GLY A 55 1.89 18.68 15.21
CA GLY A 55 0.97 17.61 15.57
C GLY A 55 1.39 16.25 15.05
N SER A 56 2.14 16.21 13.96
CA SER A 56 2.45 14.91 13.33
C SER A 56 3.68 14.95 12.53
N LEU A 57 4.33 13.80 12.39
CA LEU A 57 5.47 13.66 11.49
C LEU A 57 5.20 12.49 10.54
N LEU A 58 5.89 12.48 9.40
CA LEU A 58 5.90 11.30 8.56
C LEU A 58 7.26 11.03 7.99
N SER A 59 7.44 9.79 7.56
CA SER A 59 8.45 9.41 6.61
C SER A 59 7.72 9.17 5.32
N GLY A 60 8.06 9.97 4.32
CA GLY A 60 7.70 9.61 2.91
C GLY A 60 8.49 8.42 2.44
N GLY A 61 8.21 7.96 1.23
CA GLY A 61 8.95 6.81 0.69
C GLY A 61 10.43 7.03 0.79
N GLY A 62 11.16 6.09 1.36
CA GLY A 62 12.64 6.23 1.46
C GLY A 62 13.18 7.21 2.46
N SER A 63 12.28 7.77 3.31
CA SER A 63 12.75 8.71 4.36
C SER A 63 12.98 7.93 5.63
N VAL A 64 14.24 7.63 5.84
CA VAL A 64 14.77 6.71 6.82
C VAL A 64 15.94 7.35 7.57
N PRO A 65 16.17 6.91 8.82
CA PRO A 65 17.24 7.57 9.58
C PRO A 65 18.62 7.25 9.02
N ARG A 66 18.73 6.04 8.53
CA ARG A 66 19.77 5.67 7.60
C ARG A 66 19.50 4.36 6.93
N LYS A 67 20.29 4.11 5.88
CA LYS A 67 20.18 2.87 5.12
C LYS A 67 20.48 1.79 6.11
N GLY A 68 19.74 0.70 6.13
CA GLY A 68 20.15 -0.46 6.94
C GLY A 68 19.71 -0.27 8.38
N ALA A 69 19.04 0.82 8.72
CA ALA A 69 18.77 1.09 10.18
C ALA A 69 18.07 -0.10 10.85
N THR A 70 18.37 -0.34 12.08
CA THR A 70 17.72 -1.40 12.88
C THR A 70 16.40 -0.86 13.41
N ALA A 71 15.55 -1.75 13.92
CA ALA A 71 14.27 -1.39 14.51
C ALA A 71 14.55 -0.38 15.64
N LYS A 72 15.58 -0.63 16.43
CA LYS A 72 15.84 0.25 17.56
C LYS A 72 16.25 1.64 17.13
N GLU A 73 17.03 1.74 16.06
CA GLU A 73 17.35 3.03 15.48
C GLU A 73 16.09 3.78 15.08
N TRP A 74 15.11 3.08 14.51
CA TRP A 74 13.87 3.76 14.21
C TRP A 74 13.16 4.24 15.50
N GLN A 75 13.11 3.41 16.51
CA GLN A 75 12.49 3.73 17.78
C GLN A 75 13.14 4.96 18.41
N ASP A 76 14.46 4.99 18.39
CA ASP A 76 15.18 6.08 19.00
C ASP A 76 14.87 7.37 18.23
N MET A 77 14.82 7.30 16.91
CA MET A 77 14.42 8.49 16.12
C MET A 77 13.04 9.03 16.48
N VAL A 78 12.05 8.14 16.44
CA VAL A 78 10.70 8.50 16.75
C VAL A 78 10.58 9.07 18.17
N ASP A 79 11.23 8.41 19.11
CA ASP A 79 11.17 8.81 20.52
C ASP A 79 11.85 10.15 20.71
N GLY A 80 12.92 10.44 19.96
CA GLY A 80 13.58 11.76 20.04
C GLY A 80 12.66 12.87 19.58
N PHE A 81 11.89 12.63 18.54
CA PHE A 81 10.88 13.60 18.08
C PHE A 81 9.75 13.71 19.15
N GLN A 82 9.36 12.59 19.70
CA GLN A 82 8.25 12.61 20.67
C GLN A 82 8.64 13.39 21.93
N LYS A 83 9.87 13.17 22.38
CA LYS A 83 10.43 13.88 23.55
C LYS A 83 10.24 15.40 23.37
N ALA A 84 10.59 15.91 22.19
CA ALA A 84 10.43 17.33 21.89
C ALA A 84 8.96 17.74 21.97
N CYS A 85 8.06 16.95 21.40
CA CYS A 85 6.63 17.28 21.41
C CYS A 85 6.08 17.21 22.86
N MET A 86 6.55 16.26 23.64
CA MET A 86 5.99 16.11 24.96
C MET A 86 6.46 17.27 25.85
N SER A 87 7.46 18.00 25.41
CA SER A 87 8.00 19.06 26.24
C SER A 87 7.27 20.41 26.02
N THR A 88 6.31 20.48 25.12
CA THR A 88 5.57 21.69 24.97
C THR A 88 4.73 21.90 26.24
N ARG A 89 4.15 23.06 26.29
CA ARG A 89 3.33 23.47 27.42
C ARG A 89 2.24 22.44 27.71
N LEU A 90 1.52 22.00 26.65
CA LEU A 90 0.44 21.05 26.87
C LEU A 90 0.88 19.59 26.75
N GLY A 91 2.06 19.36 26.17
CA GLY A 91 2.61 17.99 26.07
C GLY A 91 1.69 17.09 25.26
N ILE A 92 1.26 17.57 24.11
CA ILE A 92 0.45 16.75 23.21
C ILE A 92 1.42 15.87 22.39
N PRO A 93 1.28 14.55 22.50
CA PRO A 93 2.17 13.72 21.69
C PRO A 93 1.92 13.83 20.19
N MET A 94 3.00 13.76 19.39
CA MET A 94 2.84 13.65 17.99
C MET A 94 2.42 12.21 17.64
N ILE A 95 1.75 12.10 16.50
CA ILE A 95 1.58 10.79 15.79
C ILE A 95 2.49 10.73 14.56
N TYR A 96 3.22 9.62 14.40
CA TYR A 96 4.16 9.42 13.32
C TYR A 96 3.57 8.48 12.29
N GLY A 97 3.48 8.93 11.03
CA GLY A 97 2.93 8.12 9.97
C GLY A 97 3.94 7.63 8.92
N ILE A 98 3.57 6.55 8.24
CA ILE A 98 4.48 5.98 7.28
C ILE A 98 3.64 5.14 6.29
N ASP A 99 4.17 4.92 5.08
CA ASP A 99 3.50 4.08 4.12
C ASP A 99 3.95 2.63 4.39
N ALA A 100 3.22 1.94 5.27
CA ALA A 100 3.45 0.51 5.48
C ALA A 100 2.29 -0.12 4.73
N VAL A 101 2.47 -0.27 3.43
CA VAL A 101 1.38 -0.67 2.53
C VAL A 101 1.55 -2.11 1.98
N HIS A 102 2.67 -2.76 2.25
CA HIS A 102 2.81 -4.21 2.07
C HIS A 102 3.85 -4.74 3.02
N GLY A 103 3.51 -4.62 4.29
CA GLY A 103 4.47 -4.72 5.38
C GLY A 103 4.99 -3.34 5.72
N GLN A 104 5.95 -3.28 6.64
CA GLN A 104 6.59 -2.02 7.03
C GLN A 104 7.74 -1.74 6.04
N ASN A 105 7.33 -1.42 4.82
CA ASN A 105 8.18 -1.58 3.67
C ASN A 105 9.34 -0.62 3.45
N ASN A 106 9.42 0.51 4.15
CA ASN A 106 10.59 1.40 4.11
C ASN A 106 11.75 0.86 4.92
N VAL A 107 11.48 -0.15 5.74
CA VAL A 107 12.43 -0.59 6.75
C VAL A 107 13.22 -1.84 6.32
N TYR A 108 14.55 -1.77 6.42
CA TYR A 108 15.40 -2.91 6.15
C TYR A 108 15.04 -4.07 7.09
N GLY A 109 14.85 -5.26 6.54
CA GLY A 109 14.58 -6.42 7.36
C GLY A 109 13.12 -6.64 7.73
N ALA A 110 12.25 -5.77 7.27
CA ALA A 110 10.83 -5.94 7.47
C ALA A 110 10.28 -6.97 6.47
N THR A 111 9.33 -7.73 6.93
CA THR A 111 8.59 -8.64 6.05
C THR A 111 7.87 -7.83 4.96
N ILE A 112 8.09 -8.19 3.70
CA ILE A 112 7.43 -7.55 2.57
C ILE A 112 6.37 -8.51 2.00
N PHE A 113 5.11 -8.13 2.20
CA PHE A 113 3.98 -8.93 1.76
C PHE A 113 3.68 -8.65 0.29
N PRO A 114 2.99 -9.56 -0.40
CA PRO A 114 2.51 -9.19 -1.73
C PRO A 114 1.77 -7.91 -1.78
N HIS A 115 1.96 -7.20 -2.87
CA HIS A 115 1.13 -6.03 -3.07
C HIS A 115 -0.38 -6.36 -3.21
N ASN A 116 -1.19 -5.32 -3.10
CA ASN A 116 -2.60 -5.46 -3.11
C ASN A 116 -3.25 -6.23 -4.26
N VAL A 117 -2.82 -6.03 -5.50
CA VAL A 117 -3.45 -6.71 -6.61
C VAL A 117 -3.34 -8.23 -6.39
N GLY A 118 -2.20 -8.71 -5.94
CA GLY A 118 -2.02 -10.10 -5.59
C GLY A 118 -2.90 -10.56 -4.47
N LEU A 119 -3.06 -9.72 -3.47
CA LEU A 119 -3.93 -10.06 -2.39
C LEU A 119 -5.39 -10.19 -2.87
N GLY A 120 -5.80 -9.32 -3.78
CA GLY A 120 -7.06 -9.49 -4.46
C GLY A 120 -7.26 -10.84 -5.11
N ALA A 121 -6.20 -11.36 -5.72
CA ALA A 121 -6.27 -12.70 -6.33
C ALA A 121 -6.55 -13.81 -5.33
N THR A 122 -6.24 -13.59 -4.04
CA THR A 122 -6.46 -14.65 -3.02
C THR A 122 -7.93 -14.85 -2.67
N ARG A 123 -8.74 -13.83 -2.88
CA ARG A 123 -10.11 -13.77 -2.42
C ARG A 123 -10.19 -14.20 -0.96
N ASP A 124 -9.21 -13.81 -0.12
CA ASP A 124 -9.13 -14.33 1.22
C ASP A 124 -9.06 -13.17 2.19
N PRO A 125 -10.19 -12.62 2.55
CA PRO A 125 -10.13 -11.46 3.46
C PRO A 125 -9.53 -11.74 4.84
N TYR A 126 -9.65 -12.95 5.34
CA TYR A 126 -9.05 -13.27 6.62
C TYR A 126 -7.51 -13.25 6.59
N LEU A 127 -6.96 -13.72 5.50
CA LEU A 127 -5.54 -13.62 5.21
C LEU A 127 -5.10 -12.15 5.25
N VAL A 128 -5.86 -11.28 4.63
CA VAL A 128 -5.51 -9.88 4.58
C VAL A 128 -5.58 -9.25 5.97
N LYS A 129 -6.59 -9.65 6.76
CA LYS A 129 -6.63 -9.26 8.12
C LYS A 129 -5.36 -9.62 8.89
N ARG A 130 -4.88 -10.87 8.75
CA ARG A 130 -3.76 -11.41 9.45
C ARG A 130 -2.52 -10.63 8.97
N ILE A 131 -2.50 -10.22 7.71
CA ILE A 131 -1.41 -9.38 7.16
C ILE A 131 -1.47 -8.00 7.86
N GLY A 132 -2.65 -7.44 8.03
CA GLY A 132 -2.85 -6.20 8.83
C GLY A 132 -2.29 -6.32 10.24
N GLU A 133 -2.62 -7.44 10.89
CA GLU A 133 -2.13 -7.72 12.21
C GLU A 133 -0.61 -7.77 12.25
N ALA A 134 0.01 -8.51 11.35
CA ALA A 134 1.47 -8.63 11.33
C ALA A 134 2.13 -7.31 10.99
N THR A 135 1.55 -6.59 10.05
CA THR A 135 2.04 -5.27 9.68
C THR A 135 2.00 -4.26 10.83
N ALA A 136 0.90 -4.22 11.62
CA ALA A 136 0.88 -3.39 12.81
C ALA A 136 2.06 -3.65 13.78
N LEU A 137 2.35 -4.91 13.99
CA LEU A 137 3.41 -5.32 14.92
C LEU A 137 4.74 -4.87 14.36
N GLU A 138 4.96 -5.01 13.04
CA GLU A 138 6.22 -4.64 12.46
C GLU A 138 6.36 -3.11 12.38
N VAL A 139 5.25 -2.42 12.19
CA VAL A 139 5.26 -0.96 12.35
C VAL A 139 5.56 -0.53 13.79
N ARG A 140 4.89 -1.12 14.80
CA ARG A 140 5.18 -0.74 16.18
C ARG A 140 6.58 -1.15 16.62
N ALA A 141 7.16 -2.14 15.94
CA ALA A 141 8.54 -2.55 16.20
C ALA A 141 9.51 -1.40 15.95
N THR A 142 9.11 -0.50 15.06
CA THR A 142 9.95 0.64 14.70
C THR A 142 9.47 1.96 15.41
N GLY A 143 8.50 1.83 16.32
CA GLY A 143 8.08 2.99 17.12
C GLY A 143 7.03 3.82 16.44
N ILE A 144 6.57 3.36 15.27
CA ILE A 144 5.61 4.12 14.50
C ILE A 144 4.19 3.71 14.80
N GLN A 145 3.30 4.72 14.87
CA GLN A 145 1.90 4.48 15.35
C GLN A 145 0.80 4.56 14.31
N TYR A 146 1.15 4.79 13.04
CA TYR A 146 0.15 5.20 12.03
C TYR A 146 0.67 4.75 10.63
N ALA A 147 -0.15 3.96 9.94
CA ALA A 147 0.11 3.48 8.63
C ALA A 147 -0.84 4.08 7.63
N PHE A 148 -0.31 4.63 6.53
CA PHE A 148 -1.13 5.14 5.46
C PHE A 148 -1.65 4.00 4.55
N ALA A 149 -2.55 3.20 5.08
CA ALA A 149 -3.09 2.05 4.40
C ALA A 149 -4.42 1.70 5.04
N PRO A 150 -5.34 1.06 4.29
CA PRO A 150 -5.26 0.57 2.95
C PRO A 150 -5.57 1.58 1.90
N CYS A 151 -4.88 1.41 0.78
CA CYS A 151 -5.35 1.97 -0.48
C CYS A 151 -6.56 1.14 -0.93
N ILE A 152 -7.75 1.76 -0.88
CA ILE A 152 -8.98 1.14 -1.35
C ILE A 152 -9.46 1.74 -2.67
N ALA A 153 -8.52 2.22 -3.47
CA ALA A 153 -8.79 2.55 -4.86
C ALA A 153 -9.32 1.33 -5.59
N VAL A 154 -10.23 1.56 -6.55
CA VAL A 154 -10.75 0.50 -7.44
C VAL A 154 -10.18 0.88 -8.81
N CYS A 155 -9.06 0.26 -9.17
CA CYS A 155 -8.38 0.64 -10.39
C CYS A 155 -9.18 0.17 -11.61
N ARG A 156 -9.57 1.12 -12.46
CA ARG A 156 -10.43 0.80 -13.58
C ARG A 156 -9.69 0.75 -14.88
N ASP A 157 -8.38 1.05 -14.83
CA ASP A 157 -7.52 1.06 -15.99
C ASP A 157 -6.07 0.71 -15.62
N PRO A 158 -5.55 -0.45 -16.05
CA PRO A 158 -4.23 -0.90 -15.57
C PRO A 158 -3.08 -0.08 -16.12
N ARG A 159 -3.39 0.91 -16.99
CA ARG A 159 -2.34 1.85 -17.36
C ARG A 159 -1.94 2.76 -16.17
N TRP A 160 -2.73 2.78 -15.11
CA TRP A 160 -2.40 3.57 -13.91
C TRP A 160 -1.16 2.96 -13.20
N GLY A 161 -0.19 3.81 -12.90
CA GLY A 161 1.01 3.40 -12.22
C GLY A 161 0.79 2.91 -10.78
N ARG A 162 -0.42 3.07 -10.24
CA ARG A 162 -0.72 2.56 -8.91
C ARG A 162 -1.69 1.42 -8.91
N CYS A 163 -1.95 0.84 -10.07
CA CYS A 163 -2.95 -0.25 -10.12
C CYS A 163 -2.62 -1.43 -9.18
N TYR A 164 -1.34 -1.71 -8.95
CA TYR A 164 -0.93 -2.81 -8.06
C TYR A 164 -1.32 -2.48 -6.61
N GLU A 165 -1.62 -1.20 -6.33
CA GLU A 165 -2.00 -0.83 -4.98
C GLU A 165 -3.51 -0.99 -4.79
N SER A 166 -4.20 -1.40 -5.86
CA SER A 166 -5.65 -1.72 -5.78
C SER A 166 -5.87 -3.21 -5.72
N TYR A 167 -6.73 -3.66 -4.82
CA TYR A 167 -7.02 -5.08 -4.71
C TYR A 167 -7.71 -5.63 -5.96
N SER A 168 -8.48 -4.82 -6.66
CA SER A 168 -9.32 -5.29 -7.76
C SER A 168 -9.96 -4.16 -8.53
N GLU A 169 -10.34 -4.42 -9.79
CA GLU A 169 -11.23 -3.51 -10.54
C GLU A 169 -12.66 -3.68 -10.09
N ASP A 170 -12.95 -4.76 -9.36
CA ASP A 170 -14.27 -5.00 -8.79
C ASP A 170 -14.39 -4.48 -7.35
N ARG A 171 -15.19 -3.45 -7.21
CA ARG A 171 -15.44 -2.88 -5.88
C ARG A 171 -15.81 -3.91 -4.82
N ARG A 172 -16.53 -4.99 -5.17
CA ARG A 172 -16.82 -6.01 -4.16
C ARG A 172 -15.58 -6.67 -3.54
N ILE A 173 -14.53 -6.88 -4.33
CA ILE A 173 -13.29 -7.50 -3.80
C ILE A 173 -12.63 -6.52 -2.85
N VAL A 174 -12.59 -5.29 -3.28
CA VAL A 174 -11.99 -4.22 -2.49
C VAL A 174 -12.73 -4.09 -1.19
N GLN A 175 -14.06 -4.03 -1.28
CA GLN A 175 -14.84 -4.02 -0.06
C GLN A 175 -14.45 -5.17 0.86
N SER A 176 -14.34 -6.40 0.32
CA SER A 176 -14.00 -7.56 1.18
C SER A 176 -12.64 -7.39 1.84
N MET A 177 -11.70 -6.72 1.17
CA MET A 177 -10.36 -6.57 1.69
C MET A 177 -10.16 -5.38 2.66
N THR A 178 -11.20 -4.64 2.99
CA THR A 178 -11.12 -3.62 4.04
C THR A 178 -10.92 -4.31 5.42
N GLU A 179 -10.92 -5.65 5.42
CA GLU A 179 -10.47 -6.41 6.62
C GLU A 179 -9.05 -6.09 7.06
N LEU A 180 -8.21 -5.54 6.17
CA LEU A 180 -6.92 -5.00 6.60
C LEU A 180 -7.06 -4.03 7.78
N ILE A 181 -8.12 -3.25 7.75
CA ILE A 181 -8.37 -2.23 8.79
C ILE A 181 -8.44 -2.79 10.20
N PRO A 182 -9.37 -3.70 10.52
CA PRO A 182 -9.29 -4.23 11.87
C PRO A 182 -8.09 -5.10 12.14
N GLY A 183 -7.39 -5.52 11.11
CA GLY A 183 -6.10 -6.20 11.35
C GLY A 183 -5.09 -5.17 11.92
N LEU A 184 -4.93 -4.04 11.21
CA LEU A 184 -4.00 -2.94 11.61
C LEU A 184 -4.38 -2.32 12.94
N GLN A 185 -5.67 -2.14 13.16
CA GLN A 185 -6.16 -1.33 14.28
C GLN A 185 -6.75 -2.11 15.44
N GLY A 186 -7.12 -3.36 15.21
CA GLY A 186 -7.92 -4.14 16.13
C GLY A 186 -9.40 -4.06 15.73
N ASP A 187 -10.15 -5.09 16.14
CA ASP A 187 -11.60 -5.23 15.89
C ASP A 187 -12.29 -4.27 16.77
N VAL A 188 -13.32 -3.60 16.23
CA VAL A 188 -14.13 -2.61 16.96
C VAL A 188 -15.05 -3.36 17.92
N PRO A 189 -15.47 -2.71 19.00
CA PRO A 189 -16.33 -3.50 19.92
C PRO A 189 -17.74 -3.78 19.42
N LYS A 190 -18.46 -4.59 20.19
CA LYS A 190 -19.85 -5.01 19.86
C LYS A 190 -20.69 -3.88 19.27
N ASP A 191 -20.75 -2.82 20.01
CA ASP A 191 -21.83 -1.85 19.83
C ASP A 191 -21.28 -0.60 19.12
N PHE A 192 -20.38 -0.81 18.17
CA PHE A 192 -19.61 0.31 17.69
C PHE A 192 -20.38 1.16 16.71
N THR A 193 -20.25 2.47 16.82
CA THR A 193 -20.89 3.39 15.87
C THR A 193 -20.07 3.66 14.56
N SER A 194 -20.61 3.25 13.42
CA SER A 194 -19.93 3.39 12.14
C SER A 194 -19.42 4.86 12.04
N GLY A 195 -18.18 5.02 11.59
CA GLY A 195 -17.60 6.36 11.40
C GLY A 195 -16.69 6.85 12.51
N MET A 196 -16.79 6.26 13.68
CA MET A 196 -15.95 6.59 14.79
C MET A 196 -14.58 5.97 14.56
N PRO A 197 -13.54 6.64 15.04
CA PRO A 197 -12.20 6.10 14.84
C PRO A 197 -11.95 5.04 15.90
N PHE A 198 -11.05 4.10 15.64
CA PHE A 198 -10.71 3.09 16.62
C PHE A 198 -9.33 2.56 16.46
N VAL A 199 -8.59 2.41 17.55
CA VAL A 199 -7.33 1.67 17.54
C VAL A 199 -7.27 0.99 18.92
N ALA A 200 -6.89 -0.30 19.01
CA ALA A 200 -7.04 -1.02 20.22
C ALA A 200 -6.10 -0.55 21.29
N GLY A 201 -4.93 -0.12 20.91
CA GLY A 201 -3.89 0.17 21.89
C GLY A 201 -2.52 0.17 21.28
N LYS A 202 -1.50 0.00 22.12
CA LYS A 202 -0.11 0.29 21.75
C LYS A 202 0.50 -0.78 20.82
N ASN A 203 -0.12 -1.96 20.71
CA ASN A 203 0.30 -2.98 19.77
C ASN A 203 -0.41 -2.91 18.43
N LYS A 204 -1.22 -1.88 18.24
CA LYS A 204 -1.89 -1.66 16.98
C LYS A 204 -1.55 -0.26 16.48
N VAL A 205 -2.02 0.04 15.27
CA VAL A 205 -1.75 1.30 14.64
C VAL A 205 -3.03 1.88 14.07
N ALA A 206 -3.03 3.19 13.96
CA ALA A 206 -4.10 3.87 13.24
C ALA A 206 -3.90 3.56 11.74
N ALA A 207 -5.02 3.38 11.05
CA ALA A 207 -5.03 3.12 9.65
C ALA A 207 -5.53 4.34 8.90
N CYS A 208 -5.56 4.22 7.57
CA CYS A 208 -5.90 5.30 6.69
C CYS A 208 -6.48 4.77 5.40
N ALA A 209 -7.76 5.03 5.17
CA ALA A 209 -8.37 4.58 3.95
C ALA A 209 -8.04 5.68 2.91
N LYS A 210 -7.49 5.28 1.81
CA LYS A 210 -7.04 6.27 0.85
C LYS A 210 -7.26 5.77 -0.59
N HIS A 211 -7.28 6.65 -1.61
CA HIS A 211 -7.30 8.09 -1.51
C HIS A 211 -8.70 8.53 -1.95
N PHE A 212 -9.35 9.30 -1.10
CA PHE A 212 -10.73 9.65 -1.23
C PHE A 212 -10.84 10.73 -2.27
N VAL A 213 -11.56 10.50 -3.38
CA VAL A 213 -12.28 9.28 -3.79
C VAL A 213 -12.21 9.27 -5.29
N GLY A 214 -12.21 8.09 -5.89
CA GLY A 214 -12.10 7.95 -7.35
C GLY A 214 -10.67 7.97 -7.89
N ASP A 215 -9.68 7.76 -7.01
CA ASP A 215 -8.33 7.71 -7.46
C ASP A 215 -8.04 6.64 -8.51
N GLY A 216 -8.78 5.55 -8.47
CA GLY A 216 -8.62 4.50 -9.49
C GLY A 216 -9.46 4.70 -10.79
N GLY A 217 -10.18 5.79 -10.90
CA GLY A 217 -11.07 5.96 -12.08
C GLY A 217 -10.57 7.05 -12.98
N THR A 218 -9.28 7.38 -12.92
CA THR A 218 -8.82 8.55 -13.67
C THR A 218 -8.75 8.28 -15.16
N VAL A 219 -8.98 9.33 -15.98
CA VAL A 219 -8.94 9.20 -17.49
C VAL A 219 -7.62 8.55 -17.92
N ASP A 220 -7.74 7.48 -18.73
CA ASP A 220 -6.60 6.69 -19.26
C ASP A 220 -5.63 6.24 -18.14
N GLY A 221 -6.11 6.09 -16.91
CA GLY A 221 -5.24 5.74 -15.77
C GLY A 221 -4.13 6.76 -15.56
N ILE A 222 -4.32 8.02 -15.93
CA ILE A 222 -3.28 9.06 -15.72
C ILE A 222 -3.30 9.37 -14.22
N ASN A 223 -2.14 9.23 -13.57
CA ASN A 223 -2.08 9.34 -12.10
C ASN A 223 -2.45 10.79 -11.72
N GLU A 224 -3.27 10.97 -10.69
CA GLU A 224 -3.55 12.31 -10.14
C GLU A 224 -4.48 13.14 -11.06
N ASN A 225 -5.07 12.51 -12.07
CA ASN A 225 -5.82 13.24 -13.09
C ASN A 225 -7.32 13.37 -12.73
N ASN A 226 -8.16 13.50 -13.75
CA ASN A 226 -9.58 13.67 -13.59
C ASN A 226 -10.29 12.33 -13.74
N THR A 227 -11.24 12.11 -12.87
CA THR A 227 -12.13 10.97 -12.94
C THR A 227 -13.51 11.48 -13.37
N ILE A 228 -13.87 11.10 -14.59
CA ILE A 228 -15.08 11.59 -15.27
C ILE A 228 -16.12 10.46 -15.17
N ILE A 229 -17.12 10.66 -14.31
CA ILE A 229 -18.12 9.63 -14.05
C ILE A 229 -19.22 10.36 -13.27
N ASN A 230 -20.47 9.99 -13.49
CA ASN A 230 -21.57 10.64 -12.75
C ASN A 230 -21.57 10.15 -11.31
N ARG A 231 -22.37 10.85 -10.50
CA ARG A 231 -22.50 10.57 -9.08
C ARG A 231 -22.86 9.12 -8.91
N GLU A 232 -23.74 8.60 -9.76
CA GLU A 232 -24.20 7.26 -9.55
C GLU A 232 -23.03 6.24 -9.72
N GLY A 233 -22.14 6.43 -10.69
CA GLY A 233 -20.97 5.58 -10.89
C GLY A 233 -19.88 5.80 -9.80
N LEU A 234 -19.66 7.04 -9.40
CA LEU A 234 -18.80 7.35 -8.26
C LEU A 234 -19.28 6.56 -7.05
N MET A 235 -20.58 6.60 -6.82
CA MET A 235 -21.12 5.97 -5.63
C MET A 235 -21.26 4.47 -5.75
N ASN A 236 -21.32 3.96 -6.97
CA ASN A 236 -21.53 2.54 -7.19
C ASN A 236 -20.17 1.80 -7.30
N ILE A 237 -19.11 2.51 -7.73
CA ILE A 237 -17.78 1.93 -7.95
C ILE A 237 -16.75 2.36 -6.93
N HIS A 238 -16.58 3.66 -6.75
CA HIS A 238 -15.41 4.19 -6.04
C HIS A 238 -15.60 4.45 -4.58
N MET A 239 -16.85 4.67 -4.18
CA MET A 239 -17.25 5.00 -2.84
C MET A 239 -17.50 3.81 -1.94
N PRO A 240 -18.07 2.70 -2.45
CA PRO A 240 -18.58 1.74 -1.43
C PRO A 240 -17.66 1.27 -0.26
N ALA A 241 -16.43 0.94 -0.60
CA ALA A 241 -15.42 0.46 0.38
C ALA A 241 -15.14 1.51 1.49
N TYR A 242 -15.38 2.81 1.21
CA TYR A 242 -15.23 3.85 2.30
C TYR A 242 -16.26 3.66 3.40
N LYS A 243 -17.44 3.13 3.03
CA LYS A 243 -18.51 2.90 3.98
C LYS A 243 -18.14 1.68 4.82
N ASN A 244 -17.62 0.61 4.16
CA ASN A 244 -17.05 -0.50 4.90
C ASN A 244 -15.95 -0.07 5.88
N ALA A 245 -15.09 0.83 5.44
CA ALA A 245 -14.06 1.43 6.29
C ALA A 245 -14.69 2.14 7.50
N MET A 246 -15.74 2.95 7.28
CA MET A 246 -16.45 3.58 8.41
C MET A 246 -16.98 2.57 9.39
N ASP A 247 -17.60 1.49 8.89
CA ASP A 247 -18.13 0.44 9.74
C ASP A 247 -17.05 -0.25 10.56
N LYS A 248 -15.82 -0.29 10.07
CA LYS A 248 -14.68 -0.91 10.79
C LYS A 248 -13.82 0.06 11.59
N GLY A 249 -14.28 1.31 11.67
CA GLY A 249 -13.68 2.29 12.51
C GLY A 249 -12.32 2.81 12.03
N VAL A 250 -12.12 2.96 10.70
CA VAL A 250 -10.85 3.47 10.17
C VAL A 250 -10.59 4.83 10.79
N SER A 251 -9.37 5.11 11.23
CA SER A 251 -9.11 6.28 12.04
C SER A 251 -8.95 7.55 11.26
N THR A 252 -8.42 7.39 10.06
CA THR A 252 -8.13 8.52 9.18
C THR A 252 -8.52 8.23 7.75
N VAL A 253 -8.70 9.29 6.98
CA VAL A 253 -8.90 9.18 5.56
C VAL A 253 -8.02 10.14 4.82
N MET A 254 -7.30 9.70 3.80
CA MET A 254 -6.46 10.64 3.06
C MET A 254 -7.15 11.01 1.76
N ILE A 255 -7.02 12.25 1.38
CA ILE A 255 -7.70 12.76 0.17
C ILE A 255 -6.85 12.54 -1.06
N SER A 256 -7.50 12.33 -2.19
CA SER A 256 -6.82 12.11 -3.44
C SER A 256 -6.30 13.37 -4.13
N TYR A 257 -5.18 13.24 -4.80
CA TYR A 257 -4.69 14.26 -5.77
C TYR A 257 -5.67 14.51 -6.94
N SER A 258 -6.46 13.49 -7.23
CA SER A 258 -7.33 13.45 -8.39
C SER A 258 -8.50 14.39 -8.19
N SER A 259 -9.17 14.62 -9.30
CA SER A 259 -10.35 15.47 -9.39
C SER A 259 -11.53 14.60 -9.76
N TRP A 260 -12.71 15.08 -9.41
CA TRP A 260 -13.94 14.42 -9.79
C TRP A 260 -14.75 15.40 -10.67
N ASN A 261 -14.96 15.03 -11.93
CA ASN A 261 -15.59 15.90 -12.94
C ASN A 261 -15.00 17.28 -12.82
N GLY A 262 -13.67 17.38 -12.90
CA GLY A 262 -13.00 18.68 -12.87
C GLY A 262 -12.76 19.39 -11.54
N VAL A 263 -13.37 18.93 -10.43
CA VAL A 263 -13.19 19.53 -9.10
C VAL A 263 -12.10 18.75 -8.34
N LYS A 264 -11.08 19.46 -7.91
CA LYS A 264 -9.97 18.87 -7.10
C LYS A 264 -10.56 18.27 -5.83
N MET A 265 -10.36 16.99 -5.58
CA MET A 265 -10.72 16.41 -4.28
C MET A 265 -10.23 17.25 -3.06
N HIS A 266 -9.01 17.81 -3.12
CA HIS A 266 -8.49 18.60 -2.01
C HIS A 266 -9.24 19.93 -1.79
N ALA A 267 -10.18 20.28 -2.69
CA ALA A 267 -11.02 21.50 -2.49
C ALA A 267 -12.48 21.15 -2.51
N ASN A 268 -12.84 19.87 -2.42
CA ASN A 268 -14.21 19.44 -2.58
C ASN A 268 -14.97 19.36 -1.28
N GLN A 269 -15.58 20.49 -0.91
CA GLN A 269 -16.30 20.58 0.30
C GLN A 269 -17.51 19.66 0.30
N ASP A 270 -18.18 19.54 -0.84
CA ASP A 270 -19.35 18.68 -0.95
C ASP A 270 -19.05 17.22 -0.61
N LEU A 271 -17.96 16.70 -1.15
CA LEU A 271 -17.59 15.30 -0.88
C LEU A 271 -16.88 15.11 0.45
N VAL A 272 -15.95 16.00 0.80
CA VAL A 272 -15.18 15.82 2.06
C VAL A 272 -16.05 16.15 3.28
N THR A 273 -16.72 17.30 3.26
CA THR A 273 -17.57 17.70 4.41
C THR A 273 -18.99 17.15 4.22
N GLY A 274 -19.60 17.44 3.09
CA GLY A 274 -21.02 17.03 2.88
C GLY A 274 -21.23 15.53 2.91
N TYR A 275 -20.31 14.79 2.27
CA TYR A 275 -20.47 13.38 2.16
C TYR A 275 -19.69 12.58 3.25
N LEU A 276 -18.38 12.68 3.27
CA LEU A 276 -17.59 11.84 4.24
C LEU A 276 -17.93 12.15 5.67
N LYS A 277 -17.82 13.42 6.03
CA LYS A 277 -18.17 13.83 7.38
C LYS A 277 -19.70 13.84 7.70
N ASP A 278 -20.48 14.52 6.88
CA ASP A 278 -21.88 14.77 7.29
C ASP A 278 -22.80 13.62 6.97
N THR A 279 -22.45 12.76 5.99
CA THR A 279 -23.31 11.69 5.56
C THR A 279 -22.78 10.32 6.04
N LEU A 280 -21.49 10.01 5.81
CA LEU A 280 -20.94 8.79 6.36
C LEU A 280 -20.68 8.90 7.84
N LYS A 281 -20.75 10.12 8.38
CA LYS A 281 -20.59 10.35 9.79
C LYS A 281 -19.16 10.05 10.29
N PHE A 282 -18.20 10.16 9.39
CA PHE A 282 -16.78 9.99 9.77
C PHE A 282 -16.36 10.98 10.84
N LYS A 283 -15.83 10.48 11.94
CA LYS A 283 -15.41 11.29 13.08
C LYS A 283 -13.90 11.23 13.39
N GLY A 284 -13.14 10.51 12.56
CA GLY A 284 -11.72 10.55 12.64
C GLY A 284 -11.18 11.76 11.91
N PHE A 285 -9.90 11.75 11.53
CA PHE A 285 -9.39 12.95 10.89
C PHE A 285 -9.10 12.70 9.44
N VAL A 286 -9.29 13.77 8.67
CA VAL A 286 -8.99 13.79 7.23
C VAL A 286 -7.66 14.43 6.95
N ILE A 287 -6.82 13.73 6.20
CA ILE A 287 -5.45 14.16 5.97
C ILE A 287 -5.25 14.41 4.47
N SER A 288 -4.49 15.47 4.14
CA SER A 288 -4.10 15.70 2.75
C SER A 288 -3.15 14.61 2.28
N ASP A 289 -3.01 14.52 0.95
CA ASP A 289 -1.85 13.87 0.37
C ASP A 289 -0.67 14.83 0.38
N TRP A 290 0.49 14.34 -0.08
CA TRP A 290 1.79 15.01 0.01
C TRP A 290 1.78 16.17 -0.94
N GLU A 291 1.82 17.37 -0.38
CA GLU A 291 1.63 18.62 -1.18
C GLU A 291 0.32 18.61 -1.99
N GLY A 292 -0.66 17.89 -1.47
CA GLY A 292 -1.97 17.80 -2.11
C GLY A 292 -2.65 19.14 -2.21
N ILE A 293 -2.52 19.98 -1.17
CA ILE A 293 -3.15 21.32 -1.26
C ILE A 293 -2.47 22.24 -2.29
N ASP A 294 -1.15 22.12 -2.40
CA ASP A 294 -0.38 22.82 -3.44
C ASP A 294 -0.87 22.53 -4.83
N ARG A 295 -1.17 21.27 -5.11
CA ARG A 295 -1.67 20.82 -6.38
C ARG A 295 -3.13 21.17 -6.73
N ILE A 296 -3.86 21.82 -5.82
CA ILE A 296 -5.16 22.40 -6.15
C ILE A 296 -5.03 23.33 -7.34
N THR A 297 -3.94 24.10 -7.38
CA THR A 297 -3.72 25.12 -8.41
C THR A 297 -2.84 24.58 -9.52
N THR A 298 -2.97 25.24 -10.65
CA THR A 298 -2.12 25.02 -11.80
C THR A 298 -1.48 26.37 -12.14
N PRO A 299 -0.15 26.45 -12.13
CA PRO A 299 0.71 25.38 -11.64
C PRO A 299 0.59 25.17 -10.09
N ALA A 300 1.09 24.04 -9.63
CA ALA A 300 1.04 23.66 -8.21
C ALA A 300 1.87 24.66 -7.47
N GLY A 301 1.46 25.02 -6.27
CA GLY A 301 2.25 25.88 -5.44
C GLY A 301 2.18 27.36 -5.79
N SER A 302 1.44 27.69 -6.84
CA SER A 302 1.44 29.07 -7.33
C SER A 302 0.46 29.99 -6.56
N ASP A 303 -0.45 29.45 -5.76
CA ASP A 303 -1.19 30.32 -4.87
C ASP A 303 -1.48 29.60 -3.58
N TYR A 304 -0.45 29.54 -2.76
CA TYR A 304 -0.49 28.73 -1.52
C TYR A 304 -1.51 29.26 -0.58
N SER A 305 -1.70 30.58 -0.54
CA SER A 305 -2.75 31.16 0.25
C SER A 305 -4.11 30.60 -0.09
N TYR A 306 -4.38 30.46 -1.38
CA TYR A 306 -5.62 29.84 -1.79
C TYR A 306 -5.67 28.33 -1.48
N SER A 307 -4.56 27.63 -1.70
CA SER A 307 -4.48 26.20 -1.38
C SER A 307 -4.91 25.95 0.09
N VAL A 308 -4.42 26.77 1.01
CA VAL A 308 -4.74 26.63 2.48
C VAL A 308 -6.20 26.94 2.75
N LYS A 309 -6.69 28.05 2.15
CA LYS A 309 -8.07 28.41 2.35
C LYS A 309 -8.99 27.32 1.81
N ALA A 310 -8.77 26.90 0.56
CA ALA A 310 -9.68 25.99 -0.13
C ALA A 310 -9.73 24.61 0.55
N SER A 311 -8.57 24.13 0.96
CA SER A 311 -8.48 22.81 1.60
C SER A 311 -9.11 22.77 2.98
N ILE A 312 -8.73 23.71 3.83
CA ILE A 312 -9.29 23.74 5.17
C ILE A 312 -10.81 24.03 5.13
N LEU A 313 -11.24 24.95 4.22
CA LEU A 313 -12.70 25.16 4.08
C LEU A 313 -13.41 23.91 3.52
N ALA A 314 -12.72 23.14 2.65
CA ALA A 314 -13.30 21.91 2.15
C ALA A 314 -13.56 20.86 3.27
N GLY A 315 -12.84 21.01 4.38
CA GLY A 315 -12.95 20.06 5.50
C GLY A 315 -11.73 19.20 5.87
N LEU A 316 -10.55 19.46 5.30
CA LEU A 316 -9.37 18.73 5.63
C LEU A 316 -8.96 19.13 6.99
N ASP A 317 -8.49 18.13 7.77
CA ASP A 317 -8.13 18.40 9.18
C ASP A 317 -6.66 18.51 9.41
N MET A 318 -5.87 17.66 8.76
CA MET A 318 -4.45 17.69 8.91
C MET A 318 -3.82 17.80 7.53
N ILE A 319 -2.79 18.61 7.40
CA ILE A 319 -2.14 18.83 6.15
C ILE A 319 -0.75 18.20 6.20
N MET A 320 -0.52 17.33 5.23
CA MET A 320 0.79 16.75 4.98
C MET A 320 1.53 17.79 4.17
N VAL A 321 2.25 18.66 4.87
CA VAL A 321 2.79 19.85 4.24
C VAL A 321 3.71 19.56 3.03
N PRO A 322 4.77 18.75 3.21
CA PRO A 322 5.29 18.26 4.48
C PRO A 322 6.56 19.02 4.86
N ASN A 323 7.00 19.92 3.97
CA ASN A 323 8.29 20.64 4.16
C ASN A 323 8.17 22.07 4.63
N LYS A 324 7.33 22.82 3.94
CA LYS A 324 7.20 24.26 4.26
C LYS A 324 6.19 24.56 5.35
N TYR A 325 6.50 24.05 6.55
CA TYR A 325 5.61 24.21 7.67
C TYR A 325 5.47 25.67 8.10
N GLN A 326 6.54 26.43 8.02
CA GLN A 326 6.45 27.81 8.54
C GLN A 326 5.44 28.62 7.69
N GLN A 327 5.55 28.50 6.38
CA GLN A 327 4.59 29.14 5.45
C GLN A 327 3.14 28.65 5.64
N PHE A 328 2.94 27.34 5.80
CA PHE A 328 1.63 26.82 6.04
C PHE A 328 1.03 27.42 7.31
N ILE A 329 1.79 27.39 8.38
CA ILE A 329 1.30 27.83 9.67
C ILE A 329 1.07 29.34 9.61
N SER A 330 1.97 30.07 8.98
CA SER A 330 1.84 31.54 8.90
C SER A 330 0.53 31.91 8.13
N ILE A 331 0.31 31.20 7.03
CA ILE A 331 -0.85 31.49 6.14
C ILE A 331 -2.16 31.11 6.81
N LEU A 332 -2.21 29.95 7.45
CA LEU A 332 -3.46 29.56 8.06
C LEU A 332 -3.77 30.49 9.24
N THR A 333 -2.74 30.84 10.04
CA THR A 333 -2.86 31.80 11.11
C THR A 333 -3.49 33.14 10.62
N GLY A 334 -2.97 33.67 9.52
CA GLY A 334 -3.44 34.90 8.94
C GLY A 334 -4.88 34.80 8.51
N HIS A 335 -5.22 33.69 7.84
CA HIS A 335 -6.61 33.43 7.47
C HIS A 335 -7.57 33.39 8.68
N VAL A 336 -7.16 32.76 9.78
CA VAL A 336 -8.01 32.73 10.95
C VAL A 336 -8.13 34.16 11.52
N ASN A 337 -6.99 34.83 11.60
CA ASN A 337 -6.90 36.16 12.19
C ASN A 337 -7.75 37.12 11.36
N GLY A 338 -7.91 36.89 10.05
CA GLY A 338 -8.66 37.77 9.20
C GLY A 338 -10.09 37.35 9.00
N GLY A 339 -10.53 36.28 9.66
CA GLY A 339 -11.92 35.88 9.59
C GLY A 339 -12.33 35.10 8.36
N VAL A 340 -11.33 34.76 7.54
CA VAL A 340 -11.51 33.99 6.35
C VAL A 340 -11.86 32.50 6.62
N ILE A 341 -11.30 31.99 7.73
CA ILE A 341 -11.54 30.62 8.17
C ILE A 341 -12.00 30.77 9.59
N PRO A 342 -13.22 30.34 9.87
CA PRO A 342 -13.74 30.53 11.21
C PRO A 342 -13.05 29.57 12.22
N MET A 343 -13.03 29.96 13.48
CA MET A 343 -12.49 29.15 14.54
C MET A 343 -13.24 27.81 14.64
N SER A 344 -14.50 27.79 14.22
CA SER A 344 -15.24 26.60 14.34
C SER A 344 -14.60 25.50 13.44
N ARG A 345 -14.05 25.89 12.29
CA ARG A 345 -13.38 24.94 11.37
C ARG A 345 -12.08 24.43 12.01
N ILE A 346 -11.28 25.33 12.56
CA ILE A 346 -10.05 24.94 13.30
C ILE A 346 -10.41 23.96 14.44
N ASP A 347 -11.43 24.30 15.20
CA ASP A 347 -11.82 23.54 16.39
C ASP A 347 -12.27 22.11 15.99
N ASP A 348 -12.93 22.00 14.83
CA ASP A 348 -13.40 20.72 14.34
C ASP A 348 -12.18 19.84 13.94
N ALA A 349 -11.23 20.43 13.22
CA ALA A 349 -10.03 19.74 12.77
C ALA A 349 -9.25 19.20 13.94
N VAL A 350 -9.05 20.06 14.94
CA VAL A 350 -8.32 19.71 16.15
C VAL A 350 -9.09 18.68 17.02
N THR A 351 -10.40 18.81 17.11
CA THR A 351 -11.25 17.83 17.78
C THR A 351 -11.00 16.42 17.21
N ARG A 352 -10.97 16.33 15.91
CA ARG A 352 -10.79 15.06 15.21
C ARG A 352 -9.39 14.45 15.40
N ILE A 353 -8.37 15.30 15.36
CA ILE A 353 -7.01 14.87 15.53
C ILE A 353 -6.76 14.34 16.95
N LEU A 354 -7.19 15.12 17.94
CA LEU A 354 -7.15 14.73 19.29
C LEU A 354 -8.01 13.52 19.49
N ARG A 355 -9.20 13.46 18.89
CA ARG A 355 -10.00 12.27 19.08
C ARG A 355 -9.25 11.00 18.70
N VAL A 356 -8.54 11.02 17.58
CA VAL A 356 -7.76 9.85 17.16
C VAL A 356 -6.65 9.56 18.14
N LYS A 357 -5.91 10.59 18.57
CA LYS A 357 -4.76 10.42 19.49
C LYS A 357 -5.20 9.86 20.85
N PHE A 358 -6.26 10.45 21.41
CA PHE A 358 -6.76 9.93 22.67
C PHE A 358 -7.30 8.49 22.53
N THR A 359 -8.11 8.27 21.51
CA THR A 359 -8.72 6.93 21.33
C THR A 359 -7.67 5.82 21.21
N MET A 360 -6.59 6.08 20.47
CA MET A 360 -5.59 5.04 20.22
C MET A 360 -4.64 4.82 21.40
N GLY A 361 -4.78 5.65 22.43
CA GLY A 361 -3.91 5.56 23.59
C GLY A 361 -2.60 6.28 23.53
N LEU A 362 -2.45 7.22 22.58
CA LEU A 362 -1.20 7.86 22.37
C LEU A 362 -0.78 8.71 23.58
N PHE A 363 -1.73 9.29 24.32
CA PHE A 363 -1.31 10.07 25.49
C PHE A 363 -0.84 9.15 26.60
N GLU A 364 -1.22 7.87 26.56
CA GLU A 364 -0.81 6.95 27.58
C GLU A 364 0.46 6.24 27.21
N ASN A 365 0.73 6.00 25.93
CA ASN A 365 1.93 5.37 25.49
C ASN A 365 2.52 6.18 24.32
N PRO A 366 3.10 7.35 24.63
CA PRO A 366 3.66 8.17 23.58
C PRO A 366 4.98 7.63 23.00
N TYR A 367 5.63 6.79 23.77
CA TYR A 367 6.98 6.30 23.44
C TYR A 367 6.98 4.84 22.96
N ALA A 368 8.03 4.49 22.20
CA ALA A 368 8.17 3.15 21.67
C ALA A 368 8.41 2.10 22.75
N ASP A 369 8.00 0.88 22.43
CA ASP A 369 8.27 -0.24 23.31
C ASP A 369 9.46 -1.00 22.80
N PRO A 370 10.57 -0.92 23.51
CA PRO A 370 11.72 -1.65 22.98
C PRO A 370 11.56 -3.14 22.84
N ALA A 371 10.68 -3.76 23.63
CA ALA A 371 10.43 -5.21 23.48
C ALA A 371 9.77 -5.57 22.16
N MET A 372 9.29 -4.57 21.39
CA MET A 372 8.57 -4.86 20.15
C MET A 372 9.56 -4.92 19.00
N ALA A 373 10.81 -4.46 19.22
CA ALA A 373 11.76 -4.41 18.12
C ALA A 373 11.90 -5.69 17.35
N GLU A 374 11.98 -6.81 18.09
CA GLU A 374 12.17 -8.15 17.58
C GLU A 374 11.00 -8.64 16.76
N GLN A 375 9.90 -7.91 16.73
CA GLN A 375 8.82 -8.25 15.78
C GLN A 375 9.17 -8.06 14.31
N LEU A 376 10.13 -7.17 14.02
CA LEU A 376 10.52 -6.89 12.69
C LEU A 376 11.06 -8.11 12.00
N GLY A 377 10.48 -8.46 10.86
CA GLY A 377 10.95 -9.58 10.05
C GLY A 377 10.77 -10.93 10.69
N LYS A 378 9.92 -11.02 11.69
CA LYS A 378 9.72 -12.27 12.46
C LYS A 378 9.34 -13.39 11.52
N GLN A 379 9.89 -14.59 11.76
CA GLN A 379 9.64 -15.76 10.94
C GLN A 379 8.13 -16.10 10.81
N GLU A 380 7.32 -15.94 11.85
CA GLU A 380 5.89 -16.20 11.76
C GLU A 380 5.22 -15.28 10.71
N HIS A 381 5.73 -14.05 10.58
CA HIS A 381 5.25 -13.08 9.63
C HIS A 381 5.69 -13.43 8.19
N ARG A 382 6.92 -13.89 8.04
CA ARG A 382 7.40 -14.37 6.78
C ARG A 382 6.60 -15.61 6.33
N ASP A 383 6.30 -16.51 7.24
CA ASP A 383 5.49 -17.64 6.90
C ASP A 383 4.11 -17.17 6.37
N LEU A 384 3.51 -16.16 7.01
CA LEU A 384 2.27 -15.56 6.53
C LEU A 384 2.45 -14.96 5.15
N ALA A 385 3.53 -14.23 4.92
CA ALA A 385 3.76 -13.60 3.61
C ALA A 385 3.91 -14.69 2.58
N ARG A 386 4.57 -15.77 2.94
CA ARG A 386 4.83 -16.87 2.02
C ARG A 386 3.48 -17.54 1.61
N GLU A 387 2.60 -17.76 2.58
CA GLU A 387 1.23 -18.18 2.37
C GLU A 387 0.49 -17.24 1.44
N ALA A 388 0.56 -15.92 1.69
CA ALA A 388 -0.12 -14.94 0.85
C ALA A 388 0.41 -14.95 -0.59
N ALA A 389 1.74 -15.01 -0.72
CA ALA A 389 2.36 -15.05 -2.01
C ALA A 389 1.86 -16.23 -2.82
N ARG A 390 1.90 -17.41 -2.23
CA ARG A 390 1.44 -18.63 -2.88
C ARG A 390 -0.06 -18.51 -3.33
N LYS A 391 -0.89 -17.96 -2.44
CA LYS A 391 -2.32 -17.87 -2.68
C LYS A 391 -2.63 -16.86 -3.76
N SER A 392 -1.70 -15.91 -3.95
CA SER A 392 -1.90 -14.82 -4.94
C SER A 392 -1.62 -15.25 -6.36
N LEU A 393 -0.90 -16.33 -6.54
CA LEU A 393 -0.41 -16.70 -7.90
C LEU A 393 -1.61 -17.17 -8.71
N VAL A 394 -1.71 -16.71 -9.95
CA VAL A 394 -2.82 -17.16 -10.84
C VAL A 394 -2.18 -17.93 -11.98
N LEU A 395 -2.53 -19.20 -12.10
CA LEU A 395 -2.01 -20.03 -13.13
C LEU A 395 -2.84 -19.80 -14.37
N LEU A 396 -2.17 -19.29 -15.40
CA LEU A 396 -2.85 -18.93 -16.65
C LEU A 396 -2.78 -20.01 -17.74
N LYS A 397 -1.72 -20.81 -17.73
CA LYS A 397 -1.55 -21.87 -18.72
C LYS A 397 -0.75 -22.96 -18.04
N ASN A 398 -1.11 -24.20 -18.27
CA ASN A 398 -0.34 -25.32 -17.77
C ASN A 398 -0.38 -26.46 -18.81
N GLY A 399 0.29 -26.26 -19.92
CA GLY A 399 0.24 -27.14 -21.08
C GLY A 399 -0.01 -26.38 -22.36
N LYS A 400 0.83 -26.58 -23.38
CA LYS A 400 0.59 -25.95 -24.70
C LYS A 400 -0.60 -26.51 -25.42
N THR A 401 -0.89 -27.77 -25.24
CA THR A 401 -2.07 -28.26 -25.89
C THR A 401 -2.82 -28.94 -24.81
N SER A 402 -4.07 -29.19 -25.09
CA SER A 402 -4.93 -29.85 -24.17
C SER A 402 -4.50 -31.32 -23.97
N THR A 403 -3.69 -31.88 -24.84
CA THR A 403 -3.20 -33.25 -24.76
C THR A 403 -1.79 -33.45 -24.09
N ASP A 404 -1.06 -32.37 -23.87
CA ASP A 404 0.29 -32.44 -23.24
C ASP A 404 0.15 -32.85 -21.77
N ALA A 405 1.17 -33.48 -21.24
CA ALA A 405 1.28 -33.67 -19.81
C ALA A 405 1.27 -32.26 -19.12
N PRO A 406 0.50 -32.09 -18.06
CA PRO A 406 0.70 -30.83 -17.36
C PRO A 406 2.11 -30.62 -16.82
N LEU A 407 2.68 -29.45 -17.06
CA LEU A 407 4.03 -29.17 -16.59
C LEU A 407 4.06 -29.03 -15.09
N LEU A 408 3.11 -28.28 -14.54
CA LEU A 408 3.04 -28.10 -13.11
C LEU A 408 2.03 -29.05 -12.47
N PRO A 409 2.38 -29.63 -11.31
CA PRO A 409 3.60 -29.29 -10.58
C PRO A 409 4.88 -30.02 -11.07
N LEU A 410 6.00 -29.32 -10.90
CA LEU A 410 7.30 -29.84 -11.34
C LEU A 410 7.81 -30.81 -10.27
N PRO A 411 8.64 -31.77 -10.66
CA PRO A 411 9.26 -32.67 -9.66
C PRO A 411 10.48 -32.02 -9.00
N LYS A 412 10.60 -32.23 -7.68
CA LYS A 412 11.70 -31.65 -6.90
C LYS A 412 13.00 -32.37 -7.17
N LYS A 413 12.89 -33.57 -7.70
CA LYS A 413 14.09 -34.38 -8.06
C LYS A 413 14.25 -34.50 -9.58
N ALA A 414 15.38 -34.05 -10.07
CA ALA A 414 15.71 -34.11 -11.50
C ALA A 414 17.21 -33.91 -11.61
N PRO A 415 17.85 -34.47 -12.67
CA PRO A 415 19.31 -34.38 -12.63
C PRO A 415 19.80 -32.94 -12.68
N LYS A 416 19.16 -32.11 -13.48
CA LYS A 416 19.69 -30.79 -13.66
C LYS A 416 18.55 -29.94 -14.13
N ILE A 417 18.39 -28.76 -13.51
CA ILE A 417 17.36 -27.80 -13.91
C ILE A 417 17.91 -26.43 -14.13
N LEU A 418 17.20 -25.64 -14.92
CA LEU A 418 17.59 -24.28 -15.18
C LEU A 418 16.60 -23.25 -14.56
N VAL A 419 17.18 -22.25 -13.89
CA VAL A 419 16.45 -21.08 -13.45
C VAL A 419 17.04 -19.90 -14.19
N ALA A 420 16.17 -19.12 -14.83
CA ALA A 420 16.62 -18.07 -15.67
C ALA A 420 15.73 -16.87 -15.60
N GLY A 421 16.22 -15.76 -16.15
CA GLY A 421 15.43 -14.56 -16.26
C GLY A 421 15.89 -13.44 -15.37
N SER A 422 15.65 -12.22 -15.80
CA SER A 422 15.97 -11.00 -15.05
C SER A 422 15.28 -10.94 -13.67
N HIS A 423 14.22 -11.71 -13.47
CA HIS A 423 13.48 -11.64 -12.20
C HIS A 423 13.61 -12.89 -11.35
N ALA A 424 14.48 -13.83 -11.74
CA ALA A 424 14.68 -15.06 -10.97
C ALA A 424 15.53 -14.94 -9.74
N ASP A 425 16.45 -13.98 -9.71
CA ASP A 425 17.27 -13.72 -8.59
C ASP A 425 17.40 -12.21 -8.42
N ASN A 426 16.32 -11.54 -8.13
CA ASN A 426 16.33 -10.09 -7.91
C ASN A 426 15.15 -9.77 -6.92
N LEU A 427 15.52 -9.65 -5.66
CA LEU A 427 14.57 -9.43 -4.57
C LEU A 427 13.81 -8.14 -4.78
N GLY A 428 14.54 -7.10 -5.17
CA GLY A 428 13.90 -5.79 -5.40
C GLY A 428 12.80 -5.88 -6.46
N TYR A 429 13.10 -6.55 -7.57
CA TYR A 429 12.12 -6.72 -8.63
C TYR A 429 10.95 -7.51 -8.15
N GLN A 430 11.16 -8.51 -7.33
CA GLN A 430 9.99 -9.25 -6.93
C GLN A 430 9.17 -8.56 -5.86
N CYS A 431 9.71 -7.51 -5.24
CA CYS A 431 8.97 -6.65 -4.32
C CYS A 431 8.27 -5.45 -4.97
N GLY A 432 8.76 -4.95 -6.09
CA GLY A 432 8.10 -3.77 -6.75
C GLY A 432 8.23 -2.50 -5.93
N GLY A 433 7.45 -1.50 -6.30
CA GLY A 433 7.48 -0.21 -5.68
C GLY A 433 7.17 -0.25 -4.18
N TRP A 434 7.47 0.86 -3.51
CA TRP A 434 7.24 1.00 -2.11
C TRP A 434 7.97 -0.11 -1.36
N THR A 435 9.24 -0.33 -1.71
CA THR A 435 10.05 -1.26 -0.97
C THR A 435 11.45 -0.64 -0.84
N ILE A 436 11.78 -0.29 0.38
CA ILE A 436 13.05 0.38 0.77
C ILE A 436 13.09 1.81 0.27
N GLU A 437 12.98 1.95 -1.05
CA GLU A 437 12.78 3.26 -1.68
C GLU A 437 11.34 3.46 -2.11
N TYR A 438 10.96 4.72 -2.30
CA TYR A 438 9.69 5.05 -2.85
C TYR A 438 9.33 4.26 -4.12
N GLN A 439 10.23 4.31 -5.10
CA GLN A 439 10.09 3.64 -6.38
C GLN A 439 10.51 2.16 -6.40
N GLY A 440 10.81 1.60 -5.24
CA GLY A 440 11.48 0.32 -5.22
C GLY A 440 12.88 0.41 -5.79
N ASP A 441 13.52 -0.73 -6.03
CA ASP A 441 14.91 -0.72 -6.42
C ASP A 441 15.22 -2.11 -6.92
N THR A 442 16.43 -2.27 -7.42
CA THR A 442 16.90 -3.53 -7.97
C THR A 442 17.84 -4.25 -7.01
N GLY A 443 17.83 -5.59 -6.99
CA GLY A 443 18.88 -6.34 -6.29
C GLY A 443 18.51 -6.64 -4.84
N ARG A 444 19.52 -6.88 -4.01
CA ARG A 444 19.28 -7.48 -2.71
C ARG A 444 19.08 -6.30 -1.72
N THR A 445 17.92 -5.70 -1.75
CA THR A 445 17.69 -4.44 -1.04
C THR A 445 17.30 -4.65 0.43
N THR A 446 16.94 -5.88 0.80
CA THR A 446 16.47 -6.17 2.14
C THR A 446 16.63 -7.67 2.38
N VAL A 447 16.03 -8.18 3.46
CA VAL A 447 16.16 -9.59 3.81
C VAL A 447 15.04 -10.34 3.12
N GLY A 448 15.34 -11.42 2.38
CA GLY A 448 14.27 -12.17 1.72
C GLY A 448 14.83 -13.36 0.99
N THR A 449 13.97 -14.01 0.21
CA THR A 449 14.35 -15.17 -0.57
C THR A 449 13.90 -14.95 -2.01
N THR A 450 14.85 -14.91 -2.94
CA THR A 450 14.53 -14.75 -4.37
C THR A 450 13.95 -16.04 -4.93
N ILE A 451 13.51 -16.04 -6.16
CA ILE A 451 12.94 -17.27 -6.75
C ILE A 451 14.04 -18.31 -6.87
N LEU A 452 15.22 -17.89 -7.28
CA LEU A 452 16.36 -18.82 -7.39
C LEU A 452 16.71 -19.46 -6.01
N GLU A 453 16.81 -18.64 -4.98
CA GLU A 453 17.02 -19.11 -3.62
C GLU A 453 15.97 -20.09 -3.16
N ALA A 454 14.71 -19.78 -3.47
CA ALA A 454 13.61 -20.69 -3.12
C ALA A 454 13.65 -22.04 -3.87
N VAL A 455 14.05 -21.99 -5.14
CA VAL A 455 14.24 -23.24 -5.89
C VAL A 455 15.33 -24.07 -5.24
N LYS A 456 16.45 -23.45 -4.94
CA LYS A 456 17.49 -24.18 -4.29
C LYS A 456 17.07 -24.77 -2.93
N ALA A 457 16.24 -24.05 -2.20
CA ALA A 457 15.74 -24.52 -0.88
C ALA A 457 14.70 -25.62 -0.98
N ALA A 458 14.08 -25.74 -2.15
CA ALA A 458 12.98 -26.66 -2.36
C ALA A 458 13.40 -28.01 -2.94
N VAL A 459 14.39 -28.01 -3.81
CA VAL A 459 14.67 -29.18 -4.59
C VAL A 459 15.44 -30.26 -3.77
N ASP A 460 15.33 -31.50 -4.25
CA ASP A 460 16.08 -32.65 -3.75
C ASP A 460 17.57 -32.32 -3.78
N PRO A 461 18.32 -32.88 -2.83
CA PRO A 461 19.74 -32.55 -2.82
C PRO A 461 20.51 -33.08 -4.03
N SER A 462 19.98 -34.08 -4.69
CA SER A 462 20.56 -34.56 -5.94
C SER A 462 20.30 -33.66 -7.15
N THR A 463 19.39 -32.70 -7.04
CA THR A 463 19.03 -31.86 -8.16
C THR A 463 20.04 -30.73 -8.31
N VAL A 464 20.69 -30.67 -9.47
CA VAL A 464 21.67 -29.59 -9.79
C VAL A 464 20.86 -28.43 -10.32
N VAL A 465 21.01 -27.26 -9.67
CA VAL A 465 20.32 -26.05 -10.09
C VAL A 465 21.32 -25.13 -10.80
N VAL A 466 21.06 -24.83 -12.07
CA VAL A 466 21.86 -23.88 -12.81
C VAL A 466 21.14 -22.57 -12.94
N PHE A 467 21.82 -21.47 -12.65
CA PHE A 467 21.26 -20.12 -12.90
C PHE A 467 21.92 -19.45 -14.10
N ALA A 468 21.12 -18.91 -15.01
CA ALA A 468 21.62 -18.07 -16.06
C ALA A 468 20.56 -17.00 -16.32
N GLU A 469 20.96 -15.76 -16.16
CA GLU A 469 20.04 -14.64 -16.21
C GLU A 469 19.39 -14.52 -17.58
N ASN A 470 20.20 -14.56 -18.64
CA ASN A 470 19.73 -14.41 -19.98
C ASN A 470 20.41 -15.40 -20.92
N PRO A 471 20.13 -16.68 -20.77
CA PRO A 471 20.90 -17.63 -21.60
C PRO A 471 20.45 -17.61 -23.06
N ASP A 472 21.32 -17.96 -23.99
CA ASP A 472 20.90 -18.10 -25.38
C ASP A 472 20.36 -19.49 -25.67
N ALA A 473 19.83 -19.67 -26.87
CA ALA A 473 19.06 -20.87 -27.18
C ALA A 473 20.00 -22.06 -27.13
N GLU A 474 21.26 -21.85 -27.50
CA GLU A 474 22.23 -22.96 -27.57
C GLU A 474 22.61 -23.39 -26.20
N PHE A 475 22.83 -22.43 -25.31
CA PHE A 475 23.12 -22.80 -23.94
C PHE A 475 22.04 -23.74 -23.35
N VAL A 476 20.79 -23.41 -23.54
CA VAL A 476 19.69 -24.20 -23.02
C VAL A 476 19.65 -25.58 -23.65
N LYS A 477 19.80 -25.63 -24.96
CA LYS A 477 19.68 -26.92 -25.69
C LYS A 477 20.82 -27.88 -25.34
N SER A 478 21.97 -27.32 -25.01
CA SER A 478 23.16 -28.09 -24.70
C SER A 478 23.26 -28.45 -23.20
N GLY A 479 22.40 -27.87 -22.34
CA GLY A 479 22.51 -27.98 -20.91
C GLY A 479 22.15 -29.25 -20.21
N GLY A 480 21.43 -30.13 -20.90
CA GLY A 480 20.96 -31.32 -20.26
C GLY A 480 19.92 -31.05 -19.18
N PHE A 481 19.09 -30.03 -19.40
CA PHE A 481 18.09 -29.65 -18.42
C PHE A 481 16.83 -30.50 -18.51
N SER A 482 16.24 -30.82 -17.35
CA SER A 482 14.92 -31.48 -17.29
C SER A 482 13.76 -30.50 -17.57
N TYR A 483 13.90 -29.26 -17.08
CA TYR A 483 12.93 -28.19 -17.22
C TYR A 483 13.59 -26.90 -16.80
N ALA A 484 12.91 -25.78 -17.05
CA ALA A 484 13.39 -24.49 -16.69
C ALA A 484 12.28 -23.74 -16.00
N ILE A 485 12.68 -22.88 -15.07
CA ILE A 485 11.81 -21.92 -14.47
C ILE A 485 12.38 -20.59 -14.91
N VAL A 486 11.60 -19.80 -15.61
CA VAL A 486 12.07 -18.53 -16.14
C VAL A 486 11.22 -17.40 -15.63
N ALA A 487 11.85 -16.42 -15.01
CA ALA A 487 11.08 -15.31 -14.41
C ALA A 487 11.45 -14.01 -14.99
N VAL A 488 10.43 -13.24 -15.37
CA VAL A 488 10.59 -11.97 -16.12
C VAL A 488 9.43 -11.09 -15.75
N GLY A 489 9.48 -9.84 -16.18
CA GLY A 489 8.36 -8.94 -15.96
C GLY A 489 8.73 -7.47 -15.81
N GLU A 490 7.87 -6.74 -15.13
CA GLU A 490 8.05 -5.30 -14.94
C GLU A 490 9.09 -4.95 -13.91
N HIS A 491 9.70 -3.80 -14.09
CA HIS A 491 10.62 -3.20 -13.16
C HIS A 491 9.82 -2.41 -12.11
N PRO A 492 10.44 -2.14 -10.98
CA PRO A 492 9.64 -1.52 -9.92
C PRO A 492 9.23 -0.14 -10.33
N TYR A 493 8.05 0.28 -9.93
CA TYR A 493 7.61 1.66 -10.15
C TYR A 493 6.54 2.02 -9.16
N THR A 494 6.36 3.31 -9.02
CA THR A 494 5.33 3.93 -8.19
C THR A 494 4.73 5.15 -8.85
N GLU A 495 3.47 5.43 -8.52
CA GLU A 495 2.75 6.64 -8.94
C GLU A 495 3.07 6.86 -10.43
N THR A 496 3.20 8.14 -10.84
CA THR A 496 3.28 8.52 -12.25
C THR A 496 4.36 7.80 -13.06
N LYS A 497 5.47 7.39 -12.43
CA LYS A 497 6.53 6.69 -13.20
C LYS A 497 5.95 5.35 -13.73
N GLY A 498 4.94 4.82 -13.08
CA GLY A 498 4.35 3.58 -13.58
C GLY A 498 3.23 3.72 -14.59
N ASP A 499 2.80 4.97 -14.82
CA ASP A 499 1.73 5.25 -15.80
C ASP A 499 2.40 4.81 -17.07
N ASN A 500 1.73 3.92 -17.79
CA ASN A 500 2.32 3.25 -18.94
C ASN A 500 1.20 2.95 -19.94
N LEU A 501 1.30 3.54 -21.11
CA LEU A 501 0.32 3.34 -22.13
C LEU A 501 0.53 2.04 -22.96
N ASN A 502 1.72 1.46 -22.96
CA ASN A 502 2.00 0.26 -23.82
C ASN A 502 1.91 -1.09 -23.07
N LEU A 503 2.24 -1.06 -21.76
CA LEU A 503 2.12 -2.26 -20.93
C LEU A 503 2.77 -3.50 -21.52
N THR A 504 3.96 -3.34 -22.07
CA THR A 504 4.70 -4.42 -22.57
C THR A 504 5.95 -4.53 -21.68
N ILE A 505 6.34 -5.74 -21.33
CA ILE A 505 7.42 -5.85 -20.34
C ILE A 505 8.75 -5.49 -20.99
N PRO A 506 9.70 -4.96 -20.22
CA PRO A 506 10.99 -4.59 -20.77
C PRO A 506 11.74 -5.80 -21.29
N GLU A 507 12.46 -5.59 -22.36
CA GLU A 507 13.41 -6.59 -22.83
C GLU A 507 14.71 -6.49 -22.05
N PRO A 508 15.46 -7.61 -21.97
CA PRO A 508 15.17 -8.93 -22.44
C PRO A 508 14.23 -9.53 -21.35
N GLY A 509 13.12 -10.03 -21.80
CA GLY A 509 12.14 -10.66 -20.93
C GLY A 509 11.61 -11.75 -21.87
N LEU A 510 10.87 -11.29 -22.88
CA LEU A 510 10.30 -12.13 -23.93
C LEU A 510 11.37 -12.93 -24.63
N SER A 511 12.46 -12.28 -25.02
CA SER A 511 13.53 -12.99 -25.73
C SER A 511 14.14 -14.11 -24.87
N THR A 512 14.28 -13.87 -23.57
CA THR A 512 14.78 -14.94 -22.69
C THR A 512 13.82 -16.12 -22.60
N VAL A 513 12.52 -15.83 -22.42
CA VAL A 513 11.50 -16.84 -22.37
C VAL A 513 11.55 -17.65 -23.68
N GLN A 514 11.64 -17.00 -24.82
CA GLN A 514 11.67 -17.69 -26.13
C GLN A 514 12.88 -18.61 -26.27
N ALA A 515 14.02 -18.14 -25.80
CA ALA A 515 15.24 -18.93 -25.90
C ALA A 515 15.20 -20.10 -24.96
N VAL A 516 14.66 -19.91 -23.74
CA VAL A 516 14.59 -20.99 -22.75
C VAL A 516 13.57 -22.01 -23.20
N CYS A 517 12.34 -21.56 -23.45
CA CYS A 517 11.26 -22.47 -23.74
C CYS A 517 11.46 -23.18 -25.12
N GLY A 518 12.21 -22.58 -25.99
CA GLY A 518 12.51 -23.19 -27.29
C GLY A 518 13.44 -24.35 -27.11
N GLY A 519 14.17 -24.38 -26.01
CA GLY A 519 15.06 -25.52 -25.73
C GLY A 519 14.67 -26.58 -24.71
N VAL A 520 13.79 -26.25 -23.79
CA VAL A 520 13.35 -27.14 -22.73
C VAL A 520 11.98 -26.73 -22.25
N ARG A 521 11.19 -27.69 -21.74
CA ARG A 521 9.87 -27.42 -21.19
C ARG A 521 10.07 -26.34 -20.07
N CYS A 522 9.22 -25.33 -20.04
CA CYS A 522 9.45 -24.16 -19.19
C CYS A 522 8.18 -23.69 -18.44
N ALA A 523 8.35 -23.32 -17.18
CA ALA A 523 7.35 -22.56 -16.44
C ALA A 523 7.82 -21.11 -16.38
N THR A 524 7.02 -20.22 -16.87
CA THR A 524 7.34 -18.83 -16.89
C THR A 524 6.61 -18.22 -15.72
N VAL A 525 7.37 -17.54 -14.89
CA VAL A 525 6.80 -16.76 -13.81
C VAL A 525 6.88 -15.24 -14.20
N LEU A 526 5.72 -14.66 -14.39
CA LEU A 526 5.55 -13.28 -14.74
C LEU A 526 5.37 -12.40 -13.50
N ILE A 527 6.31 -11.51 -13.24
CA ILE A 527 6.26 -10.58 -12.10
C ILE A 527 5.77 -9.25 -12.65
N SER A 528 4.59 -8.80 -12.23
CA SER A 528 4.07 -7.52 -12.73
C SER A 528 3.12 -6.92 -11.70
N GLY A 529 2.84 -5.61 -11.82
CA GLY A 529 1.91 -4.95 -10.93
C GLY A 529 0.48 -4.95 -11.47
N ARG A 530 0.26 -5.67 -12.55
CA ARG A 530 -0.91 -5.55 -13.39
C ARG A 530 -0.80 -6.48 -14.61
N PRO A 531 -1.93 -6.71 -15.26
CA PRO A 531 -1.93 -7.33 -16.60
C PRO A 531 -1.09 -6.54 -17.54
N VAL A 532 -0.25 -7.26 -18.32
CA VAL A 532 0.60 -6.70 -19.34
C VAL A 532 0.36 -7.56 -20.57
N VAL A 533 0.84 -7.07 -21.71
CA VAL A 533 0.70 -7.80 -22.95
C VAL A 533 1.33 -9.15 -22.75
N VAL A 534 0.55 -10.21 -22.92
CA VAL A 534 1.02 -11.54 -22.54
C VAL A 534 0.90 -12.67 -23.59
N GLN A 535 0.24 -12.40 -24.72
CA GLN A 535 0.12 -13.43 -25.76
C GLN A 535 1.48 -13.97 -26.25
N PRO A 536 2.48 -13.11 -26.46
CA PRO A 536 3.77 -13.73 -26.87
C PRO A 536 4.44 -14.61 -25.83
N LEU A 537 4.38 -14.21 -24.55
CA LEU A 537 4.91 -15.04 -23.44
C LEU A 537 4.14 -16.35 -23.36
N LEU A 538 2.82 -16.23 -23.48
CA LEU A 538 2.00 -17.45 -23.47
C LEU A 538 2.39 -18.42 -24.63
N ALA A 539 2.52 -17.90 -25.85
CA ALA A 539 2.76 -18.77 -26.99
C ALA A 539 4.08 -19.52 -26.83
N ALA A 540 5.10 -18.91 -26.22
CA ALA A 540 6.35 -19.58 -25.99
C ALA A 540 6.32 -20.64 -24.87
N SER A 541 5.49 -20.44 -23.84
CA SER A 541 5.59 -21.16 -22.57
C SER A 541 4.69 -22.41 -22.49
N ASP A 542 5.21 -23.45 -21.86
CA ASP A 542 4.39 -24.59 -21.45
C ASP A 542 3.45 -24.22 -20.34
N ALA A 543 3.99 -23.59 -19.27
CA ALA A 543 3.15 -23.06 -18.22
C ALA A 543 3.49 -21.60 -17.96
N LEU A 544 2.52 -20.85 -17.50
CA LEU A 544 2.74 -19.46 -17.17
C LEU A 544 1.90 -19.08 -15.97
N VAL A 545 2.55 -18.41 -15.02
CA VAL A 545 1.97 -18.02 -13.76
C VAL A 545 2.07 -16.51 -13.64
N ALA A 546 0.96 -15.85 -13.34
CA ALA A 546 0.97 -14.46 -12.96
C ALA A 546 1.23 -14.37 -11.48
N ALA A 547 2.42 -13.90 -11.09
CA ALA A 547 2.81 -13.89 -9.71
C ALA A 547 2.67 -12.51 -9.08
N TRP A 548 2.28 -11.51 -9.87
CA TRP A 548 2.08 -10.15 -9.36
C TRP A 548 3.43 -9.65 -8.75
N LEU A 549 3.38 -9.01 -7.60
CA LEU A 549 4.59 -8.52 -6.89
C LEU A 549 4.57 -9.21 -5.52
N PRO A 550 5.10 -10.42 -5.47
CA PRO A 550 4.87 -11.30 -4.30
C PRO A 550 5.61 -11.01 -3.01
N GLY A 551 6.60 -10.13 -3.08
CA GLY A 551 7.26 -9.63 -1.91
C GLY A 551 8.50 -10.40 -1.56
N SER A 552 8.86 -10.38 -0.27
CA SER A 552 10.15 -10.89 0.15
C SER A 552 10.24 -12.38 0.17
N GLU A 553 9.12 -13.06 0.19
CA GLU A 553 9.14 -14.54 0.47
C GLU A 553 8.92 -15.34 -0.80
N GLY A 554 9.98 -15.52 -1.57
CA GLY A 554 9.90 -16.18 -2.86
C GLY A 554 9.50 -17.62 -2.76
N GLN A 555 9.65 -18.26 -1.59
CA GLN A 555 9.21 -19.64 -1.39
C GLN A 555 7.72 -19.80 -1.63
N GLY A 556 6.98 -18.68 -1.59
CA GLY A 556 5.55 -18.73 -1.93
C GLY A 556 5.39 -19.19 -3.38
N VAL A 557 6.28 -18.73 -4.25
CA VAL A 557 6.27 -19.10 -5.66
C VAL A 557 6.55 -20.61 -5.81
N THR A 558 7.65 -21.10 -5.24
CA THR A 558 8.02 -22.51 -5.39
C THR A 558 7.10 -23.45 -4.67
N ASP A 559 6.47 -22.97 -3.61
CA ASP A 559 5.44 -23.82 -2.93
C ASP A 559 4.35 -24.33 -3.91
N ALA A 560 4.00 -23.49 -4.88
CA ALA A 560 3.01 -23.87 -5.87
C ALA A 560 3.69 -24.54 -7.10
N LEU A 561 4.87 -24.06 -7.55
CA LEU A 561 5.54 -24.67 -8.69
C LEU A 561 5.86 -26.16 -8.47
N PHE A 562 6.24 -26.53 -7.25
CA PHE A 562 6.59 -27.89 -6.90
C PHE A 562 5.51 -28.69 -6.22
N GLY A 563 4.30 -28.14 -6.21
CA GLY A 563 3.19 -28.90 -5.78
C GLY A 563 3.00 -29.12 -4.27
N ASP A 564 3.74 -28.44 -3.43
CA ASP A 564 3.39 -28.46 -2.00
C ASP A 564 1.95 -27.98 -1.77
N PHE A 565 1.49 -27.02 -2.57
CA PHE A 565 0.11 -26.58 -2.51
C PHE A 565 -0.36 -26.48 -3.94
N GLY A 566 -1.65 -26.63 -4.15
CA GLY A 566 -2.25 -26.41 -5.48
C GLY A 566 -2.40 -24.91 -5.74
N PHE A 567 -2.38 -24.51 -7.00
CA PHE A 567 -2.74 -23.12 -7.39
C PHE A 567 -4.20 -22.91 -7.11
N THR A 568 -4.52 -21.80 -6.45
CA THR A 568 -5.91 -21.43 -6.19
C THR A 568 -6.21 -19.97 -6.60
N GLY A 569 -5.21 -19.16 -6.91
CA GLY A 569 -5.51 -17.72 -7.17
C GLY A 569 -6.38 -17.51 -8.40
N ARG A 570 -7.19 -16.46 -8.36
CA ARG A 570 -8.10 -16.10 -9.46
C ARG A 570 -7.90 -14.66 -9.83
N LEU A 571 -7.90 -14.35 -11.13
CA LEU A 571 -7.61 -12.97 -11.53
C LEU A 571 -8.50 -12.01 -10.83
N PRO A 572 -7.92 -10.96 -10.21
CA PRO A 572 -8.76 -9.95 -9.61
C PRO A 572 -9.05 -8.75 -10.56
N ARG A 573 -8.63 -8.88 -11.80
CA ARG A 573 -8.72 -7.86 -12.81
C ARG A 573 -8.92 -8.57 -14.11
N THR A 574 -9.39 -7.83 -15.08
CA THR A 574 -9.55 -8.33 -16.41
C THR A 574 -8.21 -8.34 -17.09
N TRP A 575 -7.90 -9.39 -17.84
CA TRP A 575 -6.69 -9.38 -18.61
C TRP A 575 -7.07 -9.08 -20.04
N PHE A 576 -6.60 -7.94 -20.54
CA PHE A 576 -6.95 -7.44 -21.87
C PHE A 576 -6.21 -8.17 -22.98
N LYS A 577 -6.78 -8.10 -24.19
CA LYS A 577 -6.11 -8.65 -25.35
C LYS A 577 -5.10 -7.62 -25.86
N SER A 578 -5.49 -6.36 -25.78
CA SER A 578 -4.75 -5.28 -26.35
C SER A 578 -5.00 -4.00 -25.55
N VAL A 579 -4.00 -3.16 -25.43
CA VAL A 579 -4.21 -1.88 -24.72
C VAL A 579 -5.20 -0.95 -25.44
N ASP A 580 -5.36 -1.10 -26.75
CA ASP A 580 -6.37 -0.30 -27.48
C ASP A 580 -7.73 -0.61 -26.96
N GLN A 581 -7.92 -1.72 -26.26
CA GLN A 581 -9.26 -1.92 -25.72
C GLN A 581 -9.58 -1.08 -24.46
N LEU A 582 -8.55 -0.50 -23.83
CA LEU A 582 -8.72 -0.03 -22.46
C LEU A 582 -9.39 1.32 -22.52
N PRO A 583 -10.22 1.66 -21.53
CA PRO A 583 -10.53 0.90 -20.34
C PRO A 583 -11.51 -0.20 -20.68
N MET A 584 -11.39 -1.37 -20.05
CA MET A 584 -12.34 -2.47 -20.26
C MET A 584 -12.55 -3.26 -18.98
N ASN A 585 -13.74 -3.15 -18.41
CA ASN A 585 -13.98 -3.85 -17.14
C ASN A 585 -15.13 -4.83 -17.17
N VAL A 586 -15.00 -5.84 -16.30
CA VAL A 586 -16.01 -6.90 -16.13
C VAL A 586 -17.34 -6.21 -15.98
N GLY A 587 -18.29 -6.61 -16.80
CA GLY A 587 -19.56 -5.94 -16.85
C GLY A 587 -19.72 -4.89 -17.92
N ASP A 588 -18.66 -4.48 -18.63
CA ASP A 588 -18.83 -3.46 -19.73
C ASP A 588 -19.64 -4.02 -20.86
N ALA A 589 -19.94 -3.17 -21.82
CA ALA A 589 -20.49 -3.62 -23.13
C ALA A 589 -19.47 -4.39 -24.01
N HIS A 590 -18.40 -3.73 -24.42
CA HIS A 590 -17.45 -4.31 -25.40
C HIS A 590 -16.48 -5.34 -24.78
N TYR A 591 -16.95 -6.08 -23.75
CA TYR A 591 -16.06 -6.90 -22.90
C TYR A 591 -15.51 -8.09 -23.66
N ASP A 592 -14.27 -7.97 -24.12
CA ASP A 592 -13.63 -8.97 -24.94
C ASP A 592 -12.22 -9.30 -24.36
N PRO A 593 -12.19 -10.02 -23.23
CA PRO A 593 -10.96 -10.20 -22.46
C PRO A 593 -10.14 -11.31 -23.01
N LEU A 594 -8.82 -11.25 -22.84
CA LEU A 594 -8.04 -12.46 -23.00
C LEU A 594 -8.37 -13.49 -21.91
N PHE A 595 -8.45 -13.03 -20.66
CA PHE A 595 -8.88 -13.85 -19.53
C PHE A 595 -9.80 -12.91 -18.74
N ARG A 596 -10.97 -13.40 -18.40
CA ARG A 596 -11.97 -12.65 -17.68
C ARG A 596 -11.59 -12.56 -16.17
N LEU A 597 -12.09 -11.54 -15.49
CA LEU A 597 -11.94 -11.47 -14.06
C LEU A 597 -12.45 -12.77 -13.46
N GLY A 598 -11.75 -13.33 -12.47
CA GLY A 598 -12.15 -14.61 -11.92
C GLY A 598 -11.46 -15.83 -12.54
N TYR A 599 -10.86 -15.69 -13.70
CA TYR A 599 -10.17 -16.82 -14.34
C TYR A 599 -8.99 -17.29 -13.51
N GLY A 600 -8.77 -18.60 -13.44
CA GLY A 600 -7.46 -19.10 -12.93
C GLY A 600 -7.50 -20.63 -12.98
N LEU A 601 -6.48 -21.25 -13.55
CA LEU A 601 -6.39 -22.70 -13.55
C LEU A 601 -5.95 -23.18 -12.18
N THR A 602 -6.23 -24.43 -11.88
CA THR A 602 -5.89 -25.02 -10.60
C THR A 602 -4.95 -26.26 -10.79
N THR A 603 -4.30 -26.64 -9.72
CA THR A 603 -3.61 -27.87 -9.66
C THR A 603 -3.97 -28.43 -8.33
N ASN A 604 -3.69 -29.71 -8.17
CA ASN A 604 -3.72 -30.36 -6.85
C ASN A 604 -2.34 -30.54 -6.23
N ALA A 605 -2.28 -30.45 -4.90
CA ALA A 605 -1.02 -30.66 -4.18
C ALA A 605 -0.49 -32.10 -4.43
N THR A 606 0.84 -32.32 -4.49
CA THR A 606 1.40 -33.67 -4.75
C THR A 606 2.09 -34.26 -3.58
C1 SGC B . 7.84 11.73 -2.72
O1 SGC B . 8.94 12.63 -2.89
C2 SGC B . 7.65 11.10 -1.31
O2 SGC B . 8.88 10.49 -0.80
C3 SGC B . 6.43 10.10 -1.46
O3 SGC B . 6.32 9.45 -0.14
C4 SGC B . 5.18 10.89 -2.07
C5 SGC B . 5.68 11.60 -3.34
O5 SGC B . 6.72 12.53 -3.03
C6 SGC B . 4.44 12.28 -4.02
O6 SGC B . 4.85 13.31 -4.95
S4 SGC B . 3.65 10.20 -2.92
C2 BGC B . 1.07 9.22 -2.06
C3 BGC B . 0.34 8.71 -0.77
C4 BGC B . 1.38 8.54 0.41
C5 BGC B . 2.03 9.94 0.66
C6 BGC B . 3.13 9.93 1.79
C1 BGC B . 2.17 10.33 -1.84
O2 BGC B . 0.11 9.61 -3.06
O3 BGC B . -0.29 7.40 -0.97
O4 BGC B . 0.65 8.05 1.55
O5 BGC B . 2.80 10.26 -0.57
O6 BGC B . 4.30 9.19 1.36
C1 NAG C . -4.61 15.48 -16.73
C2 NAG C . -4.61 16.83 -15.95
C3 NAG C . -4.27 18.00 -16.86
C4 NAG C . -2.98 17.73 -17.65
C5 NAG C . -3.01 16.36 -18.35
C6 NAG C . -1.67 16.02 -18.97
C7 NAG C . -6.11 17.03 -13.97
C8 NAG C . -7.49 17.41 -13.51
N2 NAG C . -5.87 17.15 -15.28
O3 NAG C . -4.18 19.12 -16.00
O4 NAG C . -2.77 18.72 -18.65
O5 NAG C . -3.36 15.35 -17.41
O6 NAG C . -1.81 14.72 -19.52
O7 NAG C . -5.27 16.61 -13.17
C1 NAG D . -7.63 -31.93 -9.64
C2 NAG D . -7.30 -32.93 -10.75
C3 NAG D . -8.40 -32.66 -11.79
C4 NAG D . -9.73 -33.08 -11.14
C5 NAG D . -9.89 -32.78 -9.64
C6 NAG D . -10.79 -33.81 -8.97
C7 NAG D . -5.05 -33.94 -10.70
C8 NAG D . -3.63 -33.93 -11.22
N2 NAG D . -5.90 -33.01 -11.19
O3 NAG D . -8.10 -33.36 -12.99
O4 NAG D . -10.78 -32.41 -11.80
O5 NAG D . -8.67 -32.56 -8.89
O6 NAG D . -10.74 -33.58 -7.57
O7 NAG D . -5.37 -34.79 -9.84
C1 GOL E . -1.67 -2.18 26.36
O1 GOL E . -1.34 -1.30 27.42
C2 GOL E . -2.64 -1.51 25.37
O2 GOL E . -2.28 -0.13 24.98
C3 GOL E . -4.03 -1.64 25.98
O3 GOL E . -4.98 -0.86 25.22
C1 GOL F . -4.46 -23.51 2.49
O1 GOL F . -3.64 -24.65 2.50
C2 GOL F . -3.94 -22.55 3.54
O2 GOL F . -2.56 -22.78 3.89
C3 GOL F . -4.87 -22.65 4.74
O3 GOL F . -6.08 -21.94 4.41
C1 GOL G . -15.43 -12.98 -8.85
O1 GOL G . -14.29 -13.78 -9.17
C2 GOL G . -15.87 -13.30 -7.43
O2 GOL G . -14.90 -12.82 -6.43
C3 GOL G . -16.17 -14.82 -7.34
O3 GOL G . -15.57 -15.40 -6.16
C ACT H . -5.56 -30.02 -3.35
O ACT H . -4.69 -29.14 -3.46
OXT ACT H . -5.19 -31.16 -2.98
CH3 ACT H . -7.01 -29.76 -3.67
C ACT I . -17.37 22.52 -3.31
O ACT I . -16.20 22.88 -3.02
OXT ACT I . -17.69 21.31 -3.20
CH3 ACT I . -18.41 23.55 -3.77
C ACT J . 13.73 -15.38 4.43
O ACT J . 14.38 -14.56 5.15
OXT ACT J . 13.03 -15.07 3.36
CH3 ACT J . 13.85 -16.82 4.95
C ACT K . -24.06 -5.42 -3.35
O ACT K . -23.18 -5.60 -2.50
OXT ACT K . -24.78 -4.41 -3.33
CH3 ACT K . -24.26 -6.46 -4.43
C ACT L . 21.37 -23.90 -0.48
O ACT L . 20.20 -23.59 -0.13
OXT ACT L . 21.58 -24.79 -1.35
CH3 ACT L . 22.56 -23.24 0.18
C ACT M . -8.64 35.85 1.06
O ACT M . -9.61 36.56 1.32
OXT ACT M . -8.83 34.76 0.49
CH3 ACT M . -7.29 36.36 1.46
OH2 1PE N . -6.94 -7.48 14.75
C12 1PE N . -7.70 -8.14 15.91
C22 1PE N . -8.42 -7.40 17.10
OH3 1PE N . -7.69 -7.19 18.40
C13 1PE N . -6.18 -6.11 20.27
C23 1PE N . -7.20 -5.90 19.07
OH4 1PE N . -4.99 -5.24 20.49
C24 1PE N . -3.64 -5.83 20.51
C14 1PE O . -7.50 -20.99 -23.35
OH5 1PE O . -7.79 -19.87 -22.50
C15 1PE O . -9.83 -18.74 -21.55
C25 1PE O . -9.02 -19.20 -22.80
OH6 1PE O . -10.42 -17.39 -21.63
C16 1PE O . -11.91 -15.88 -20.27
C26 1PE O . -11.64 -17.27 -20.85
OH7 1PE O . -12.53 -15.38 -21.47
OH7 1PE O . -11.38 -16.15 -18.99
OH2 1PE P . 17.17 -32.76 -21.54
C12 1PE P . 17.53 -34.15 -21.43
C22 1PE P . 18.91 -34.28 -20.77
OH3 1PE P . 19.23 -35.56 -20.17
C13 1PE P . 19.65 -35.68 -17.62
C23 1PE P . 18.69 -35.66 -18.81
OH2 1PE Q . -19.84 13.09 17.36
C12 1PE Q . -19.28 11.96 18.02
C22 1PE Q . -19.34 12.18 19.52
OH3 1PE Q . -19.30 10.90 20.14
C12 1PE R . 23.67 2.55 15.50
C22 1PE R . 22.90 1.75 14.61
OH3 1PE R . 23.03 0.40 14.90
C13 1PE R . 21.51 0.20 16.68
C23 1PE R . 21.88 -0.25 15.29
OH4 1PE R . 20.34 -0.44 17.02
OH2 1PE S . 25.39 -16.64 -12.64
C12 1PE S . 25.11 -15.43 -13.38
C22 1PE S . 23.98 -15.79 -14.37
OH3 1PE S . 23.73 -14.94 -15.47
C13 1PE S . 24.51 -14.21 -17.79
C23 1PE S . 24.67 -15.20 -16.59
OH4 1PE S . 23.46 -14.46 -18.74
C14 1PE S . 24.51 -16.46 -19.95
C24 1PE S . 23.34 -15.84 -19.16
OH5 1PE S . 24.54 -17.90 -19.88
C25 1PE S . 25.46 -18.42 -18.83
S SO4 T . 1.88 22.06 -12.66
O1 SO4 T . 2.29 22.56 -11.33
O2 SO4 T . 2.59 20.78 -12.91
O3 SO4 T . 0.40 21.94 -12.71
O4 SO4 T . 2.33 23.03 -13.69
S SO4 U . -15.94 31.67 14.58
O1 SO4 U . -16.15 31.90 15.98
O2 SO4 U . -14.63 32.26 14.17
O3 SO4 U . -17.02 32.27 13.72
O4 SO4 U . -16.14 30.17 14.56
#